data_8I4N
#
_entry.id   8I4N
#
_cell.length_a   63.897
_cell.length_b   120.297
_cell.length_c   152.600
_cell.angle_alpha   90.00
_cell.angle_beta   90.00
_cell.angle_gamma   90.00
#
_symmetry.space_group_name_H-M   'P 21 21 21'
#
loop_
_entity.id
_entity.type
_entity.pdbx_description
1 polymer '6-phosphogluconate dehydrogenase, decarboxylating'
2 water water
#
_entity_poly.entity_id   1
_entity_poly.type   'polypeptide(L)'
_entity_poly.pdbx_seq_one_letter_code
;MTNGDNLAQIGVVGLAVMGSNLARNFARNGNTVAVYNRSTDKTDKLIADHGSEGNFIPSATVEEFVASLEKPRRAIIMVQ
AGNATDAVINQLADAMDEGDIIIDGGNALYTDTIRREKEISARGLHFVGAGISGGEEGALNGPSIMPGGPAKSYESLGPL
LESIAANVDGTPCVTHIGPDGAGHFVKMVHNGIEYADMQVIGEAYHLLRYAAGMQPAEIAEVFKEWNAGDLDSYLIEITA
EVLSQVDAETGKPLIDVIVDAAGQKGTGRWTVKAALDLGIATTGIGEAVFARALSGATSQRAAAQGNLPAGVLTDLEALG
VDKAQFVEDVRRALYASKLVAYAQGFDEIKAGSDENNWDVDPRDLATIWRGGCIIRAKFLNRIVEAYDANAELESLLLDP
YFKSELGDLIDSWRRVIVTATQLGLPIPVFASSLSYYDSLRAERLPAALIQGQRDFFGAHTYKRIDKDGSFHTEWSGDRS
EVEALEHHHHHH
;
_entity_poly.pdbx_strand_id   A,B
#
# COMPACT_ATOMS: atom_id res chain seq x y z
N GLY A 4 13.08 -33.30 36.64
CA GLY A 4 14.48 -33.40 37.08
C GLY A 4 15.41 -32.61 36.20
N ASP A 5 16.67 -33.02 36.13
CA ASP A 5 17.69 -32.39 35.24
C ASP A 5 17.66 -33.09 33.88
N ASN A 6 16.86 -34.17 33.78
CA ASN A 6 16.58 -35.01 32.59
C ASN A 6 15.38 -34.40 31.84
N LEU A 7 14.82 -33.32 32.38
CA LEU A 7 13.69 -32.56 31.78
C LEU A 7 14.22 -31.20 31.30
N ALA A 8 13.72 -30.71 30.18
CA ALA A 8 14.16 -29.41 29.65
C ALA A 8 13.17 -28.31 30.05
N GLN A 9 13.67 -27.08 30.25
CA GLN A 9 12.82 -25.93 30.63
C GLN A 9 12.13 -25.40 29.37
N ILE A 10 12.81 -25.47 28.23
CA ILE A 10 12.25 -25.00 26.94
C ILE A 10 12.66 -25.99 25.85
N GLY A 11 11.87 -26.08 24.79
CA GLY A 11 12.23 -26.91 23.62
C GLY A 11 12.03 -26.17 22.32
N VAL A 12 12.81 -26.51 21.29
CA VAL A 12 12.73 -25.90 19.93
C VAL A 12 12.48 -27.03 18.91
N VAL A 13 11.36 -26.96 18.21
CA VAL A 13 10.99 -27.87 17.07
C VAL A 13 11.38 -27.19 15.75
N GLY A 14 12.19 -27.87 14.92
CA GLY A 14 12.61 -27.36 13.59
C GLY A 14 14.02 -26.78 13.66
N LEU A 15 15.03 -27.53 13.21
CA LEU A 15 16.46 -27.25 13.45
C LEU A 15 17.15 -26.84 12.13
N ALA A 16 16.49 -26.02 11.32
CA ALA A 16 17.18 -25.18 10.31
C ALA A 16 18.11 -24.20 11.05
N VAL A 17 18.98 -23.50 10.32
CA VAL A 17 19.98 -22.56 10.93
C VAL A 17 19.31 -21.75 12.06
N MET A 18 18.14 -21.15 11.81
CA MET A 18 17.41 -20.27 12.75
C MET A 18 16.99 -21.03 14.03
N GLY A 19 16.26 -22.14 13.90
CA GLY A 19 15.85 -22.98 15.05
C GLY A 19 17.07 -23.48 15.84
N SER A 20 18.14 -23.90 15.15
CA SER A 20 19.45 -24.31 15.73
C SER A 20 20.04 -23.16 16.54
N ASN A 21 20.19 -22.01 15.91
CA ASN A 21 20.84 -20.85 16.55
C ASN A 21 20.11 -20.49 17.83
N LEU A 22 18.80 -20.63 17.86
CA LEU A 22 17.95 -20.23 19.02
C LEU A 22 18.08 -21.26 20.15
N ALA A 23 18.09 -22.55 19.80
CA ALA A 23 18.36 -23.67 20.74
C ALA A 23 19.73 -23.45 21.42
N ARG A 24 20.76 -23.14 20.62
CA ARG A 24 22.14 -22.94 21.12
C ARG A 24 22.16 -21.76 22.07
N ASN A 25 21.46 -20.69 21.70
CA ASN A 25 21.31 -19.48 22.55
C ASN A 25 20.67 -19.88 23.90
N PHE A 26 19.61 -20.68 23.91
CA PHE A 26 18.98 -21.18 25.16
C PHE A 26 20.02 -21.96 25.95
N ALA A 27 20.76 -22.88 25.29
CA ALA A 27 21.80 -23.74 25.90
C ALA A 27 22.98 -22.90 26.43
N ARG A 28 23.45 -21.91 25.64
CA ARG A 28 24.61 -21.05 26.03
C ARG A 28 24.28 -20.22 27.27
N ASN A 29 23.00 -19.93 27.58
CA ASN A 29 22.62 -19.10 28.76
C ASN A 29 22.05 -19.98 29.87
N GLY A 30 22.51 -21.24 29.91
CA GLY A 30 22.35 -22.15 31.08
C GLY A 30 20.92 -22.64 31.23
N ASN A 31 20.27 -22.88 30.10
CA ASN A 31 18.93 -23.50 30.10
C ASN A 31 19.08 -24.90 29.53
N THR A 32 18.33 -25.86 30.06
CA THR A 32 18.33 -27.22 29.46
C THR A 32 17.34 -27.15 28.30
N VAL A 33 17.75 -27.54 27.11
CA VAL A 33 16.89 -27.35 25.91
C VAL A 33 16.70 -28.64 25.10
N ALA A 34 15.45 -29.07 24.96
CA ALA A 34 14.99 -30.22 24.11
C ALA A 34 14.88 -29.75 22.66
N VAL A 35 15.36 -30.56 21.72
CA VAL A 35 15.46 -30.23 20.27
C VAL A 35 14.87 -31.40 19.45
N TYR A 36 14.08 -31.11 18.40
CA TYR A 36 13.40 -32.13 17.54
C TYR A 36 13.29 -31.59 16.11
N ASN A 37 13.38 -32.49 15.12
CA ASN A 37 13.18 -32.20 13.67
C ASN A 37 12.66 -33.48 13.01
N ARG A 38 11.61 -33.41 12.17
CA ARG A 38 11.07 -34.61 11.47
C ARG A 38 12.25 -35.41 10.89
N SER A 39 13.06 -34.83 10.01
CA SER A 39 14.34 -35.45 9.55
C SER A 39 15.37 -35.36 10.68
N THR A 40 15.71 -36.49 11.32
CA THR A 40 16.50 -36.57 12.58
C THR A 40 17.96 -36.14 12.30
N ASP A 41 18.41 -36.38 11.06
CA ASP A 41 19.73 -35.97 10.55
C ASP A 41 20.08 -34.55 11.04
N LYS A 42 19.15 -33.60 11.00
CA LYS A 42 19.43 -32.18 11.42
C LYS A 42 19.77 -32.18 12.92
N THR A 43 18.93 -32.82 13.73
CA THR A 43 19.09 -32.94 15.21
C THR A 43 20.49 -33.45 15.56
N ASP A 44 20.89 -34.58 14.96
CA ASP A 44 22.21 -35.24 15.12
C ASP A 44 23.33 -34.22 14.84
N LYS A 45 23.25 -33.41 13.77
CA LYS A 45 24.27 -32.41 13.36
C LYS A 45 24.37 -31.28 14.41
N LEU A 46 23.27 -30.91 15.08
CA LEU A 46 23.30 -29.89 16.17
C LEU A 46 24.13 -30.43 17.35
N ILE A 47 23.78 -31.63 17.82
CA ILE A 47 24.42 -32.38 18.96
C ILE A 47 25.91 -32.59 18.68
N ALA A 48 26.27 -32.99 17.46
CA ALA A 48 27.66 -33.32 17.06
C ALA A 48 28.54 -32.07 17.03
N ASP A 49 28.05 -31.00 16.41
CA ASP A 49 28.86 -29.81 16.04
C ASP A 49 28.67 -28.68 17.05
N HIS A 50 27.67 -28.73 17.94
CA HIS A 50 27.38 -27.58 18.85
C HIS A 50 26.97 -28.04 20.24
N GLY A 51 26.99 -29.36 20.53
CA GLY A 51 26.57 -29.96 21.81
C GLY A 51 27.36 -29.47 23.01
N SER A 52 28.59 -28.97 22.83
CA SER A 52 29.50 -28.41 23.89
C SER A 52 28.94 -27.09 24.44
N GLU A 53 28.03 -26.44 23.73
CA GLU A 53 27.61 -25.06 24.08
C GLU A 53 26.68 -25.10 25.31
N GLY A 54 26.17 -26.27 25.66
CA GLY A 54 25.35 -26.39 26.88
C GLY A 54 24.67 -27.71 26.90
N ASN A 55 23.46 -27.75 27.47
CA ASN A 55 22.73 -28.99 27.86
C ASN A 55 21.49 -29.16 26.99
N PHE A 56 21.65 -30.01 25.98
CA PHE A 56 20.62 -30.33 24.97
C PHE A 56 19.99 -31.69 25.25
N ILE A 57 18.70 -31.85 24.97
CA ILE A 57 18.03 -33.16 25.12
C ILE A 57 17.40 -33.54 23.79
N PRO A 58 18.08 -34.32 22.94
CA PRO A 58 17.53 -34.70 21.64
C PRO A 58 16.51 -35.84 21.64
N SER A 59 15.52 -35.70 20.78
CA SER A 59 14.38 -36.64 20.55
C SER A 59 14.27 -36.94 19.05
N ALA A 60 13.96 -38.19 18.69
CA ALA A 60 13.65 -38.58 17.28
C ALA A 60 12.13 -38.51 17.06
N THR A 61 11.31 -38.27 18.09
CA THR A 61 9.82 -38.21 17.99
C THR A 61 9.23 -37.03 18.78
N VAL A 62 8.07 -36.57 18.35
CA VAL A 62 7.27 -35.49 19.00
C VAL A 62 6.83 -35.91 20.41
N GLU A 63 6.54 -37.20 20.64
CA GLU A 63 5.98 -37.70 21.92
C GLU A 63 7.12 -37.82 22.94
N GLU A 64 8.36 -38.04 22.47
CA GLU A 64 9.58 -38.05 23.33
C GLU A 64 9.93 -36.62 23.74
N PHE A 65 10.06 -35.73 22.74
CA PHE A 65 10.23 -34.27 22.89
C PHE A 65 9.33 -33.73 24.02
N VAL A 66 8.03 -33.93 23.88
CA VAL A 66 7.01 -33.43 24.85
C VAL A 66 7.19 -34.14 26.19
N ALA A 67 7.71 -35.36 26.17
CA ALA A 67 7.92 -36.12 27.42
C ALA A 67 9.20 -35.64 28.11
N SER A 68 10.12 -35.05 27.36
CA SER A 68 11.38 -34.57 27.98
C SER A 68 11.31 -33.09 28.33
N LEU A 69 10.12 -32.57 28.65
CA LEU A 69 9.94 -31.13 28.96
C LEU A 69 9.32 -30.96 30.33
N GLU A 70 9.81 -30.00 31.14
CA GLU A 70 9.25 -29.76 32.49
C GLU A 70 7.95 -28.96 32.40
N LYS A 71 7.20 -28.89 33.50
CA LYS A 71 5.85 -28.27 33.41
C LYS A 71 5.67 -26.95 34.18
N PRO A 72 4.76 -26.01 33.46
CA PRO A 72 4.04 -26.05 32.18
C PRO A 72 4.96 -26.05 30.94
N ARG A 73 4.66 -26.91 29.96
CA ARG A 73 5.59 -27.29 28.87
C ARG A 73 5.67 -26.17 27.84
N ARG A 74 6.88 -25.65 27.62
CA ARG A 74 7.16 -24.58 26.62
C ARG A 74 7.93 -25.17 25.43
N ALA A 75 7.27 -25.25 24.26
CA ALA A 75 7.87 -25.62 22.96
C ALA A 75 7.75 -24.45 21.98
N ILE A 76 8.81 -24.23 21.17
CA ILE A 76 8.98 -23.11 20.20
C ILE A 76 9.21 -23.71 18.82
N ILE A 77 8.35 -23.34 17.85
CA ILE A 77 8.36 -23.86 16.45
C ILE A 77 9.08 -22.84 15.55
N MET A 78 10.06 -23.32 14.78
CA MET A 78 10.97 -22.55 13.91
C MET A 78 11.09 -23.28 12.56
N VAL A 79 9.94 -23.50 11.92
CA VAL A 79 9.81 -24.02 10.52
C VAL A 79 9.17 -22.93 9.65
N GLN A 80 9.20 -23.11 8.33
CA GLN A 80 8.66 -22.17 7.31
C GLN A 80 7.21 -21.79 7.69
N ALA A 81 6.80 -20.56 7.37
CA ALA A 81 5.50 -19.99 7.81
C ALA A 81 4.38 -20.64 6.99
N GLY A 82 3.16 -20.75 7.54
CA GLY A 82 1.99 -21.28 6.81
C GLY A 82 1.65 -22.71 7.21
N ASN A 83 1.63 -23.63 6.25
CA ASN A 83 1.11 -25.03 6.44
C ASN A 83 2.11 -25.86 7.23
N ALA A 84 3.40 -25.76 6.89
CA ALA A 84 4.50 -26.39 7.66
C ALA A 84 4.31 -26.11 9.15
N THR A 85 3.91 -24.89 9.49
CA THR A 85 3.77 -24.42 10.89
C THR A 85 2.55 -25.08 11.55
N ASP A 86 1.40 -25.09 10.87
CA ASP A 86 0.10 -25.60 11.40
C ASP A 86 0.24 -27.10 11.70
N ALA A 87 0.96 -27.81 10.82
CA ALA A 87 1.30 -29.25 10.93
C ALA A 87 1.86 -29.50 12.33
N VAL A 88 2.99 -28.85 12.62
CA VAL A 88 3.72 -28.98 13.90
C VAL A 88 2.79 -28.60 15.05
N ILE A 89 2.04 -27.50 14.93
CA ILE A 89 1.14 -26.98 16.03
C ILE A 89 0.16 -28.08 16.46
N ASN A 90 -0.41 -28.79 15.48
CA ASN A 90 -1.39 -29.89 15.67
C ASN A 90 -0.69 -31.09 16.33
N GLN A 91 0.52 -31.41 15.85
CA GLN A 91 1.34 -32.53 16.37
C GLN A 91 1.61 -32.27 17.86
N LEU A 92 1.96 -31.05 18.27
CA LEU A 92 2.30 -30.74 19.69
C LEU A 92 1.06 -30.83 20.59
N ALA A 93 -0.10 -30.41 20.07
CA ALA A 93 -1.37 -30.46 20.82
C ALA A 93 -1.87 -31.90 20.96
N ASP A 94 -1.80 -32.70 19.91
CA ASP A 94 -2.11 -34.15 20.01
C ASP A 94 -1.35 -34.72 21.22
N ALA A 95 -0.06 -34.39 21.34
CA ALA A 95 0.90 -34.98 22.30
C ALA A 95 0.93 -34.22 23.63
N MET A 96 0.64 -32.93 23.62
CA MET A 96 0.74 -32.12 24.87
C MET A 96 -0.43 -32.39 25.81
N ASP A 97 -0.25 -32.07 27.09
CA ASP A 97 -1.30 -32.19 28.13
C ASP A 97 -1.96 -30.81 28.28
N GLU A 98 -3.06 -30.70 29.02
CA GLU A 98 -3.71 -29.38 29.18
C GLU A 98 -2.80 -28.43 29.95
N GLY A 99 -2.88 -27.13 29.66
CA GLY A 99 -2.07 -26.14 30.39
C GLY A 99 -0.70 -25.94 29.78
N ASP A 100 -0.42 -26.62 28.68
CA ASP A 100 0.90 -26.48 28.03
C ASP A 100 0.89 -25.24 27.15
N ILE A 101 2.07 -24.68 26.89
CA ILE A 101 2.24 -23.45 26.06
C ILE A 101 2.96 -23.79 24.74
N ILE A 102 2.27 -23.58 23.61
CA ILE A 102 2.82 -23.75 22.22
C ILE A 102 3.23 -22.36 21.71
N ILE A 103 4.36 -22.26 21.03
CA ILE A 103 4.97 -20.98 20.57
C ILE A 103 5.42 -21.14 19.12
N ASP A 104 4.84 -20.36 18.20
CA ASP A 104 5.42 -20.13 16.84
C ASP A 104 6.39 -18.96 16.97
N GLY A 105 7.68 -19.20 16.69
CA GLY A 105 8.73 -18.18 16.58
C GLY A 105 9.12 -17.88 15.14
N GLY A 106 8.40 -18.43 14.16
CA GLY A 106 8.61 -18.17 12.71
C GLY A 106 7.96 -16.86 12.30
N ASN A 107 8.22 -16.37 11.08
CA ASN A 107 7.73 -15.05 10.58
C ASN A 107 6.34 -15.26 9.95
N ALA A 108 5.32 -15.17 10.78
CA ALA A 108 3.91 -15.55 10.52
C ALA A 108 3.03 -14.31 10.39
N LEU A 109 2.11 -14.30 9.42
CA LEU A 109 1.09 -13.25 9.30
C LEU A 109 0.26 -13.25 10.59
N TYR A 110 0.03 -12.07 11.18
CA TYR A 110 -0.55 -11.92 12.55
C TYR A 110 -2.01 -12.40 12.60
N THR A 111 -2.69 -12.46 11.45
CA THR A 111 -4.11 -12.91 11.31
C THR A 111 -4.17 -14.41 11.59
N ASP A 112 -3.24 -15.19 11.01
CA ASP A 112 -3.05 -16.63 11.34
C ASP A 112 -2.84 -16.77 12.87
N THR A 113 -2.05 -15.88 13.48
CA THR A 113 -1.78 -16.04 14.92
C THR A 113 -3.05 -15.91 15.74
N ILE A 114 -3.98 -15.10 15.28
CA ILE A 114 -5.25 -14.92 16.04
C ILE A 114 -6.12 -16.16 15.86
N ARG A 115 -6.17 -16.69 14.65
CA ARG A 115 -6.94 -17.92 14.36
C ARG A 115 -6.43 -19.04 15.28
N ARG A 116 -5.14 -19.33 15.19
CA ARG A 116 -4.41 -20.36 15.99
C ARG A 116 -4.61 -20.16 17.51
N GLU A 117 -4.58 -18.93 17.99
CA GLU A 117 -4.70 -18.65 19.44
C GLU A 117 -6.10 -19.00 19.93
N LYS A 118 -7.12 -18.75 19.12
CA LYS A 118 -8.52 -19.05 19.49
C LYS A 118 -8.70 -20.55 19.59
N GLU A 119 -8.36 -21.26 18.52
CA GLU A 119 -8.48 -22.73 18.44
C GLU A 119 -7.68 -23.40 19.54
N ILE A 120 -6.40 -23.06 19.67
CA ILE A 120 -5.52 -23.70 20.67
C ILE A 120 -6.00 -23.42 22.09
N SER A 121 -6.45 -22.20 22.39
CA SER A 121 -6.91 -21.89 23.76
C SER A 121 -8.19 -22.67 24.06
N ALA A 122 -9.00 -22.90 23.04
CA ALA A 122 -10.28 -23.64 23.14
C ALA A 122 -9.99 -25.12 23.45
N ARG A 123 -8.86 -25.63 22.95
CA ARG A 123 -8.40 -27.02 23.16
C ARG A 123 -7.75 -27.14 24.54
N GLY A 124 -7.93 -26.12 25.40
CA GLY A 124 -7.42 -26.16 26.78
C GLY A 124 -5.98 -25.69 26.92
N LEU A 125 -5.27 -25.50 25.82
CA LEU A 125 -3.85 -25.09 25.85
C LEU A 125 -3.67 -23.58 25.92
N HIS A 126 -2.47 -23.13 25.55
CA HIS A 126 -2.04 -21.72 25.58
C HIS A 126 -1.18 -21.46 24.35
N PHE A 127 -1.51 -20.45 23.55
CA PHE A 127 -0.73 -20.18 22.32
C PHE A 127 -0.09 -18.79 22.37
N VAL A 128 1.21 -18.76 22.10
CA VAL A 128 2.02 -17.51 22.02
C VAL A 128 2.58 -17.45 20.61
N GLY A 129 2.31 -16.35 19.90
CA GLY A 129 3.06 -15.95 18.69
C GLY A 129 4.16 -14.98 19.06
N ALA A 130 5.40 -15.28 18.71
CA ALA A 130 6.61 -14.55 19.15
C ALA A 130 7.41 -14.05 17.95
N GLY A 131 7.39 -12.74 17.72
CA GLY A 131 8.27 -12.08 16.73
C GLY A 131 9.71 -12.16 17.19
N ILE A 132 10.64 -12.55 16.31
CA ILE A 132 12.09 -12.69 16.63
C ILE A 132 12.91 -11.96 15.55
N SER A 133 13.45 -10.80 15.88
CA SER A 133 14.23 -10.05 14.87
C SER A 133 15.71 -10.42 14.94
N GLY A 134 16.53 -9.87 14.04
CA GLY A 134 17.99 -10.08 14.02
C GLY A 134 18.37 -11.23 13.11
N GLY A 135 17.39 -11.83 12.43
CA GLY A 135 17.66 -12.97 11.55
C GLY A 135 18.48 -14.01 12.26
N GLU A 136 19.43 -14.64 11.58
CA GLU A 136 20.21 -15.79 12.10
C GLU A 136 21.20 -15.32 13.15
N GLU A 137 21.80 -14.14 12.98
CA GLU A 137 22.80 -13.62 13.96
C GLU A 137 22.12 -13.41 15.30
N GLY A 138 21.06 -12.59 15.32
CA GLY A 138 20.29 -12.28 16.53
C GLY A 138 19.83 -13.53 17.26
N ALA A 139 19.34 -14.51 16.50
CA ALA A 139 18.83 -15.79 17.04
C ALA A 139 19.95 -16.47 17.83
N LEU A 140 21.19 -16.43 17.32
CA LEU A 140 22.37 -17.02 18.01
C LEU A 140 22.82 -16.14 19.19
N ASN A 141 23.07 -14.84 18.95
CA ASN A 141 23.88 -13.99 19.87
C ASN A 141 23.01 -13.03 20.66
N GLY A 142 21.68 -13.00 20.47
CA GLY A 142 20.82 -12.06 21.21
C GLY A 142 19.84 -11.33 20.28
N PRO A 143 18.59 -11.84 20.16
CA PRO A 143 17.57 -11.18 19.36
C PRO A 143 16.68 -10.24 20.19
N SER A 144 15.80 -9.54 19.48
CA SER A 144 14.71 -8.73 20.07
C SER A 144 13.50 -9.65 20.04
N ILE A 145 12.87 -9.93 21.17
CA ILE A 145 11.72 -10.86 21.12
C ILE A 145 10.42 -10.12 21.40
N MET A 146 9.47 -10.25 20.50
CA MET A 146 8.15 -9.56 20.61
C MET A 146 7.10 -10.64 20.70
N PRO A 147 6.59 -11.27 21.96
CA PRO A 147 5.65 -12.36 22.21
C PRO A 147 4.23 -11.89 22.56
N GLY A 148 3.28 -12.55 21.91
CA GLY A 148 1.84 -12.35 22.08
C GLY A 148 1.14 -13.65 22.40
N GLY A 149 0.24 -13.59 23.36
CA GLY A 149 -0.56 -14.72 23.83
C GLY A 149 -1.16 -14.33 25.16
N PRO A 150 -1.72 -15.27 26.18
CA PRO A 150 -2.25 -15.04 27.53
C PRO A 150 -1.11 -14.52 28.42
N ALA A 151 -1.38 -13.52 29.26
CA ALA A 151 -0.33 -12.87 30.08
C ALA A 151 0.20 -13.86 31.14
N LYS A 152 -0.61 -14.87 31.51
CA LYS A 152 -0.21 -15.95 32.44
C LYS A 152 0.92 -16.81 31.83
N SER A 153 1.09 -16.79 30.51
CA SER A 153 2.09 -17.62 29.79
C SER A 153 3.47 -16.96 29.84
N TYR A 154 3.56 -15.63 29.90
CA TYR A 154 4.86 -14.91 30.00
C TYR A 154 5.43 -15.14 31.41
N GLU A 155 4.60 -15.57 32.38
CA GLU A 155 5.05 -15.88 33.77
C GLU A 155 6.02 -17.07 33.76
N SER A 156 5.77 -18.09 32.93
CA SER A 156 6.67 -19.27 32.84
C SER A 156 7.69 -19.05 31.70
N LEU A 157 7.29 -18.31 30.67
CA LEU A 157 8.09 -18.16 29.42
C LEU A 157 9.07 -16.98 29.56
N GLY A 158 8.68 -15.90 30.24
CA GLY A 158 9.40 -14.61 30.30
C GLY A 158 10.87 -14.76 30.70
N PRO A 159 11.19 -15.35 31.89
CA PRO A 159 12.57 -15.44 32.37
C PRO A 159 13.48 -16.27 31.44
N LEU A 160 12.92 -17.26 30.73
CA LEU A 160 13.69 -18.02 29.73
C LEU A 160 14.12 -17.08 28.59
N LEU A 161 13.18 -16.29 28.07
CA LEU A 161 13.44 -15.39 26.91
C LEU A 161 14.37 -14.27 27.37
N GLU A 162 14.25 -13.81 28.62
CA GLU A 162 15.08 -12.71 29.15
C GLU A 162 16.54 -13.17 29.20
N SER A 163 16.79 -14.48 29.14
CA SER A 163 18.13 -15.10 29.30
C SER A 163 18.86 -15.13 27.96
N ILE A 164 18.12 -15.20 26.85
CA ILE A 164 18.72 -15.20 25.46
C ILE A 164 18.56 -13.85 24.72
N ALA A 165 17.66 -12.99 25.21
CA ALA A 165 17.37 -11.71 24.52
C ALA A 165 18.56 -10.77 24.54
N ALA A 166 18.66 -9.92 23.52
CA ALA A 166 19.70 -8.87 23.51
C ALA A 166 19.56 -8.00 24.77
N ASN A 167 20.68 -7.68 25.39
CA ASN A 167 20.60 -6.87 26.62
C ASN A 167 21.12 -5.46 26.32
N VAL A 168 20.39 -4.44 26.72
CA VAL A 168 20.85 -3.04 26.49
C VAL A 168 20.80 -2.31 27.82
N ASP A 169 21.95 -1.96 28.36
CA ASP A 169 22.04 -1.27 29.68
C ASP A 169 21.26 -2.06 30.73
N GLY A 170 21.47 -3.37 30.82
CA GLY A 170 20.85 -4.24 31.83
C GLY A 170 19.37 -4.46 31.63
N THR A 171 18.83 -4.09 30.50
CA THR A 171 17.38 -4.26 30.39
C THR A 171 17.21 -5.21 29.24
N PRO A 172 16.63 -6.53 29.38
CA PRO A 172 16.24 -7.83 28.39
C PRO A 172 15.44 -7.11 27.30
N CYS A 173 15.76 -7.35 26.03
CA CYS A 173 15.01 -6.73 24.90
C CYS A 173 13.83 -7.63 24.58
N VAL A 174 12.94 -7.79 25.55
CA VAL A 174 11.74 -8.65 25.43
C VAL A 174 10.79 -8.23 26.53
N THR A 175 9.49 -8.25 26.26
CA THR A 175 8.42 -7.96 27.25
C THR A 175 7.09 -8.47 26.69
N HIS A 176 6.09 -8.71 27.52
CA HIS A 176 4.76 -9.11 27.03
C HIS A 176 4.22 -7.94 26.20
N ILE A 177 3.93 -8.21 24.92
CA ILE A 177 3.48 -7.18 23.94
C ILE A 177 2.01 -6.87 24.17
N GLY A 178 1.23 -7.94 24.20
CA GLY A 178 -0.22 -7.93 24.38
C GLY A 178 -0.79 -9.26 23.99
N PRO A 179 -2.13 -9.40 23.89
CA PRO A 179 -2.76 -10.66 23.59
C PRO A 179 -2.61 -11.13 22.14
N ASP A 180 -2.81 -12.42 21.94
CA ASP A 180 -2.84 -13.15 20.64
C ASP A 180 -1.80 -12.66 19.62
N GLY A 181 -2.23 -12.06 18.51
CA GLY A 181 -1.32 -11.68 17.41
C GLY A 181 -0.54 -10.39 17.57
N ALA A 182 -0.65 -9.67 18.69
CA ALA A 182 0.08 -8.41 18.89
C ALA A 182 1.59 -8.52 18.59
N GLY A 183 2.25 -9.61 19.01
CA GLY A 183 3.70 -9.80 18.81
C GLY A 183 4.12 -9.88 17.36
N HIS A 184 3.46 -10.74 16.59
CA HIS A 184 3.71 -10.92 15.14
C HIS A 184 3.29 -9.66 14.39
N PHE A 185 2.28 -8.94 14.90
CA PHE A 185 1.85 -7.64 14.31
C PHE A 185 3.00 -6.63 14.40
N VAL A 186 3.52 -6.44 15.59
CA VAL A 186 4.56 -5.43 15.90
C VAL A 186 5.89 -5.78 15.22
N LYS A 187 6.11 -7.05 14.91
CA LYS A 187 7.35 -7.48 14.22
C LYS A 187 7.26 -7.04 12.77
N MET A 188 6.07 -7.12 12.19
CA MET A 188 5.81 -6.77 10.78
C MET A 188 5.89 -5.26 10.62
N VAL A 189 5.42 -4.50 11.61
CA VAL A 189 5.51 -3.03 11.57
C VAL A 189 6.99 -2.64 11.62
N HIS A 190 7.76 -3.35 12.44
CA HIS A 190 9.22 -3.17 12.61
C HIS A 190 9.97 -3.56 11.33
N ASN A 191 9.42 -4.46 10.52
CA ASN A 191 10.10 -4.83 9.26
C ASN A 191 9.83 -3.72 8.23
N GLY A 192 8.66 -3.12 8.31
CA GLY A 192 8.26 -2.00 7.46
C GLY A 192 9.08 -0.79 7.80
N ILE A 193 9.20 -0.50 9.10
CA ILE A 193 10.05 0.60 9.61
C ILE A 193 11.47 0.06 9.58
N GLU A 194 12.14 -0.01 8.45
CA GLU A 194 13.49 -0.60 8.26
C GLU A 194 13.67 -0.44 6.77
N TYR A 195 12.59 -0.68 6.05
CA TYR A 195 12.60 -0.39 4.61
C TYR A 195 12.74 1.14 4.53
N ALA A 196 11.97 1.85 5.34
CA ALA A 196 12.00 3.32 5.37
C ALA A 196 13.38 3.80 5.86
N ASP A 197 13.95 3.11 6.84
CA ASP A 197 15.27 3.49 7.38
C ASP A 197 16.32 3.30 6.29
N MET A 198 16.25 2.17 5.59
CA MET A 198 17.24 1.88 4.53
C MET A 198 17.05 2.85 3.37
N GLN A 199 15.80 3.22 3.06
CA GLN A 199 15.45 4.14 1.95
C GLN A 199 15.94 5.57 2.23
N VAL A 200 15.69 6.10 3.42
CA VAL A 200 16.13 7.49 3.74
C VAL A 200 17.66 7.59 3.63
N ILE A 201 18.38 6.56 4.07
CA ILE A 201 19.88 6.53 4.03
C ILE A 201 20.34 6.53 2.57
N GLY A 202 19.72 5.66 1.75
CA GLY A 202 19.86 5.61 0.28
C GLY A 202 19.73 6.98 -0.33
N GLU A 203 18.67 7.69 0.02
CA GLU A 203 18.35 9.01 -0.55
C GLU A 203 19.46 10.01 -0.22
N ALA A 204 19.90 10.02 1.02
CA ALA A 204 20.99 10.90 1.51
C ALA A 204 22.27 10.65 0.69
N TYR A 205 22.62 9.36 0.53
CA TYR A 205 23.79 8.83 -0.22
C TYR A 205 23.72 9.31 -1.66
N HIS A 206 22.53 9.19 -2.26
CA HIS A 206 22.26 9.57 -3.67
C HIS A 206 22.50 11.07 -3.83
N LEU A 207 21.91 11.91 -2.99
CA LEU A 207 22.11 13.39 -3.02
C LEU A 207 23.59 13.73 -2.80
N LEU A 208 24.28 13.02 -1.91
CA LEU A 208 25.72 13.27 -1.64
C LEU A 208 26.57 12.85 -2.86
N ARG A 209 26.19 11.80 -3.58
CA ARG A 209 27.03 11.30 -4.72
C ARG A 209 26.80 12.14 -5.97
N TYR A 210 25.60 12.68 -6.18
CA TYR A 210 25.16 13.20 -7.51
C TYR A 210 24.87 14.71 -7.47
N ALA A 211 24.62 15.31 -6.32
CA ALA A 211 24.46 16.78 -6.14
C ALA A 211 25.75 17.38 -5.58
N ALA A 212 26.43 16.67 -4.68
CA ALA A 212 27.62 17.18 -3.97
C ALA A 212 28.90 16.65 -4.65
N GLY A 213 28.80 15.59 -5.45
CA GLY A 213 29.93 15.04 -6.24
C GLY A 213 30.92 14.30 -5.35
N MET A 214 30.45 13.84 -4.18
CA MET A 214 31.27 13.04 -3.21
C MET A 214 31.40 11.60 -3.71
N GLN A 215 32.63 11.08 -3.75
CA GLN A 215 32.92 9.65 -3.99
C GLN A 215 32.43 8.83 -2.80
N PRO A 216 32.18 7.50 -2.96
CA PRO A 216 31.68 6.65 -1.89
C PRO A 216 32.55 6.53 -0.62
N ALA A 217 33.88 6.46 -0.75
CA ALA A 217 34.81 6.47 0.40
C ALA A 217 34.59 7.73 1.26
N GLU A 218 34.43 8.89 0.61
CA GLU A 218 34.22 10.20 1.29
C GLU A 218 32.83 10.24 1.96
N ILE A 219 31.80 9.64 1.34
CA ILE A 219 30.39 9.58 1.88
C ILE A 219 30.41 8.71 3.13
N ALA A 220 31.19 7.62 3.11
CA ALA A 220 31.42 6.70 4.26
C ALA A 220 31.84 7.50 5.49
N GLU A 221 32.83 8.38 5.31
CA GLU A 221 33.36 9.33 6.35
C GLU A 221 32.24 10.21 6.88
N VAL A 222 31.36 10.73 6.03
CA VAL A 222 30.29 11.66 6.46
C VAL A 222 29.30 10.90 7.36
N PHE A 223 28.95 9.66 6.99
CA PHE A 223 28.00 8.81 7.77
C PHE A 223 28.62 8.52 9.15
N LYS A 224 29.92 8.15 9.19
CA LYS A 224 30.64 7.93 10.48
C LYS A 224 30.45 9.18 11.38
N GLU A 225 30.68 10.40 10.86
CA GLU A 225 30.49 11.64 11.67
C GLU A 225 29.02 11.84 12.06
N TRP A 226 28.08 11.51 11.20
CA TRP A 226 26.64 11.63 11.55
C TRP A 226 26.29 10.60 12.64
N ASN A 227 26.94 9.44 12.59
CA ASN A 227 26.71 8.33 13.56
C ASN A 227 27.12 8.77 14.99
N ALA A 228 27.91 9.82 15.10
CA ALA A 228 28.33 10.43 16.40
C ALA A 228 27.19 11.25 17.00
N GLY A 229 26.37 11.84 16.14
CA GLY A 229 25.28 12.72 16.57
C GLY A 229 23.98 12.01 16.82
N ASP A 230 22.86 12.71 16.64
CA ASP A 230 21.47 12.26 16.91
C ASP A 230 21.04 11.07 16.06
N LEU A 231 21.64 10.88 14.90
CA LEU A 231 21.25 9.82 13.96
C LEU A 231 21.84 8.45 14.32
N ASP A 232 22.72 8.40 15.32
CA ASP A 232 23.45 7.19 15.82
C ASP A 232 22.61 5.93 15.64
N SER A 233 23.04 5.02 14.76
CA SER A 233 22.22 3.81 14.47
C SER A 233 23.06 2.67 13.89
N TYR A 234 22.63 1.43 14.08
CA TYR A 234 23.42 0.32 13.55
C TYR A 234 23.46 0.37 12.03
N LEU A 235 22.39 0.85 11.40
CA LEU A 235 22.26 0.88 9.92
C LEU A 235 23.25 1.87 9.31
N ILE A 236 23.35 3.09 9.85
CA ILE A 236 24.31 4.12 9.34
C ILE A 236 25.74 3.62 9.58
N GLU A 237 26.02 3.00 10.72
CA GLU A 237 27.33 2.38 11.04
C GLU A 237 27.74 1.47 9.87
N ILE A 238 26.94 0.46 9.53
CA ILE A 238 27.26 -0.54 8.47
C ILE A 238 27.27 0.07 7.06
N THR A 239 26.50 1.11 6.84
CA THR A 239 26.43 1.77 5.52
C THR A 239 27.83 2.31 5.19
N ALA A 240 28.50 2.91 6.18
CA ALA A 240 29.90 3.41 6.14
C ALA A 240 30.86 2.27 5.77
N GLU A 241 30.65 1.08 6.32
CA GLU A 241 31.50 -0.09 6.01
C GLU A 241 31.33 -0.46 4.54
N VAL A 242 30.09 -0.50 4.09
CA VAL A 242 29.74 -0.83 2.68
C VAL A 242 30.36 0.18 1.72
N LEU A 243 30.19 1.46 1.97
CA LEU A 243 30.68 2.50 1.00
C LEU A 243 32.22 2.52 0.97
N SER A 244 32.86 2.28 2.11
CA SER A 244 34.33 2.10 2.29
C SER A 244 34.85 0.91 1.47
N GLN A 245 34.07 -0.16 1.33
CA GLN A 245 34.56 -1.42 0.69
C GLN A 245 35.07 -1.10 -0.73
N VAL A 246 36.08 -1.83 -1.21
CA VAL A 246 36.58 -1.72 -2.59
C VAL A 246 36.51 -3.13 -3.21
N ASP A 247 36.23 -3.24 -4.50
CA ASP A 247 36.16 -4.53 -5.21
C ASP A 247 37.57 -4.90 -5.69
N ALA A 248 38.13 -6.00 -5.19
CA ALA A 248 39.50 -6.44 -5.50
C ALA A 248 39.70 -6.57 -7.01
N GLU A 249 38.74 -7.17 -7.69
CA GLU A 249 38.80 -7.43 -9.13
C GLU A 249 38.90 -6.13 -9.92
N THR A 250 38.03 -5.18 -9.67
CA THR A 250 37.99 -3.97 -10.52
C THR A 250 38.74 -2.78 -9.96
N GLY A 251 38.74 -2.59 -8.65
CA GLY A 251 39.38 -1.41 -8.08
C GLY A 251 38.37 -0.31 -7.88
N LYS A 252 37.12 -0.53 -8.27
CA LYS A 252 36.09 0.50 -8.08
C LYS A 252 35.31 0.18 -6.81
N PRO A 253 34.57 1.14 -6.22
CA PRO A 253 33.76 0.90 -5.04
C PRO A 253 32.81 -0.27 -5.27
N LEU A 254 32.69 -1.16 -4.30
CA LEU A 254 31.83 -2.36 -4.44
C LEU A 254 30.41 -2.00 -4.88
N ILE A 255 29.88 -0.90 -4.38
CA ILE A 255 28.49 -0.47 -4.69
C ILE A 255 28.31 -0.19 -6.18
N ASP A 256 29.35 0.20 -6.90
CA ASP A 256 29.31 0.53 -8.34
C ASP A 256 29.33 -0.73 -9.19
N VAL A 257 29.54 -1.87 -8.57
CA VAL A 257 29.64 -3.16 -9.31
C VAL A 257 28.45 -4.03 -8.95
N ILE A 258 27.61 -3.56 -8.03
CA ILE A 258 26.40 -4.34 -7.64
C ILE A 258 25.24 -3.95 -8.55
N VAL A 259 24.45 -4.90 -9.02
CA VAL A 259 23.27 -4.54 -9.86
C VAL A 259 22.30 -3.78 -8.96
N ASP A 260 21.93 -2.53 -9.30
CA ASP A 260 21.02 -1.74 -8.44
C ASP A 260 19.57 -2.21 -8.56
N ALA A 261 19.34 -3.44 -8.15
CA ALA A 261 17.99 -4.04 -8.20
C ALA A 261 17.76 -4.74 -6.88
N ALA A 262 16.88 -4.20 -6.06
CA ALA A 262 16.58 -4.80 -4.74
C ALA A 262 15.11 -5.21 -4.67
N GLY A 263 14.81 -6.50 -4.65
CA GLY A 263 13.40 -6.94 -4.57
C GLY A 263 12.75 -6.57 -3.23
N GLN A 264 11.41 -6.48 -3.23
CA GLN A 264 10.66 -6.17 -1.98
C GLN A 264 10.07 -7.48 -1.47
N LYS A 265 10.60 -8.58 -2.03
CA LYS A 265 10.26 -9.98 -1.64
C LYS A 265 10.63 -10.12 -0.17
N GLY A 266 9.75 -9.65 0.71
CA GLY A 266 10.01 -9.67 2.16
C GLY A 266 8.76 -9.32 2.93
N THR A 267 8.94 -8.67 4.07
CA THR A 267 7.78 -8.37 4.95
C THR A 267 7.28 -6.95 4.72
N GLY A 268 8.13 -6.11 4.14
CA GLY A 268 7.84 -4.68 3.92
C GLY A 268 6.45 -4.48 3.37
N ARG A 269 6.04 -5.32 2.42
CA ARG A 269 4.71 -5.15 1.81
C ARG A 269 3.59 -5.52 2.76
N TRP A 270 3.83 -6.33 3.80
CA TRP A 270 2.71 -6.66 4.70
C TRP A 270 2.41 -5.48 5.60
N THR A 271 3.42 -4.67 5.91
CA THR A 271 3.21 -3.49 6.78
C THR A 271 2.28 -2.51 6.08
N VAL A 272 2.63 -2.14 4.85
CA VAL A 272 1.80 -1.23 4.02
C VAL A 272 0.74 -2.11 3.39
N LYS A 273 -0.35 -2.39 4.06
CA LYS A 273 -1.43 -3.29 3.60
C LYS A 273 -2.36 -3.33 4.78
N ALA A 274 -1.75 -3.50 5.95
CA ALA A 274 -2.42 -3.39 7.25
C ALA A 274 -2.61 -1.88 7.44
N ALA A 275 -1.66 -1.09 6.98
CA ALA A 275 -1.79 0.38 7.07
C ALA A 275 -3.00 0.81 6.25
N LEU A 276 -3.12 0.25 5.05
CA LEU A 276 -4.22 0.54 4.11
C LEU A 276 -5.53 0.01 4.68
N ASP A 277 -5.46 -1.11 5.41
CA ASP A 277 -6.65 -1.69 6.06
C ASP A 277 -7.00 -0.91 7.33
N LEU A 278 -6.03 -0.34 8.02
CA LEU A 278 -6.36 0.37 9.27
C LEU A 278 -6.57 1.86 9.00
N GLY A 279 -6.44 2.28 7.75
CA GLY A 279 -6.63 3.68 7.34
C GLY A 279 -5.54 4.59 7.87
N ILE A 280 -4.29 4.18 7.72
CA ILE A 280 -3.12 4.93 8.24
C ILE A 280 -2.22 5.33 7.07
N ALA A 281 -1.87 6.62 7.00
CA ALA A 281 -1.04 7.19 5.91
C ALA A 281 0.43 6.85 6.13
N THR A 282 0.86 5.64 5.83
CA THR A 282 2.28 5.28 5.99
C THR A 282 2.99 5.58 4.67
N THR A 283 3.20 6.85 4.38
CA THR A 283 3.82 7.28 3.11
C THR A 283 5.30 6.94 3.04
N GLY A 284 6.00 6.97 4.16
CA GLY A 284 7.43 6.64 4.23
C GLY A 284 7.69 5.19 3.89
N ILE A 285 7.06 4.26 4.59
CA ILE A 285 7.23 2.81 4.30
C ILE A 285 6.68 2.50 2.91
N GLY A 286 5.55 3.11 2.55
CA GLY A 286 4.95 2.88 1.22
C GLY A 286 5.92 3.25 0.11
N GLU A 287 6.38 4.49 0.12
CA GLU A 287 7.34 5.01 -0.88
C GLU A 287 8.57 4.11 -0.93
N ALA A 288 9.03 3.64 0.23
CA ALA A 288 10.20 2.77 0.34
C ALA A 288 9.94 1.42 -0.33
N VAL A 289 8.78 0.83 -0.09
CA VAL A 289 8.40 -0.47 -0.71
C VAL A 289 8.27 -0.26 -2.22
N PHE A 290 7.67 0.85 -2.62
CA PHE A 290 7.48 1.17 -4.04
C PHE A 290 8.83 1.37 -4.71
N ALA A 291 9.77 2.00 -4.00
CA ALA A 291 11.11 2.24 -4.56
C ALA A 291 11.84 0.92 -4.82
N ARG A 292 11.63 -0.09 -4.00
CA ARG A 292 12.25 -1.42 -4.19
C ARG A 292 11.67 -2.06 -5.45
N ALA A 293 10.35 -1.95 -5.63
CA ALA A 293 9.67 -2.51 -6.81
C ALA A 293 10.25 -1.90 -8.08
N LEU A 294 10.34 -0.58 -8.12
CA LEU A 294 10.82 0.15 -9.31
C LEU A 294 12.25 -0.28 -9.70
N SER A 295 13.11 -0.53 -8.72
CA SER A 295 14.51 -0.94 -8.98
C SER A 295 14.59 -2.24 -9.77
N GLY A 296 13.67 -3.17 -9.54
CA GLY A 296 13.64 -4.47 -10.24
C GLY A 296 12.92 -4.46 -11.57
N ALA A 297 12.56 -3.28 -12.09
CA ALA A 297 11.87 -3.17 -13.39
C ALA A 297 12.94 -3.07 -14.47
N THR A 298 13.64 -4.17 -14.72
CA THR A 298 14.89 -4.13 -15.51
C THR A 298 14.54 -3.72 -16.95
N SER A 299 13.55 -4.38 -17.54
CA SER A 299 13.18 -4.17 -18.97
C SER A 299 12.72 -2.70 -19.15
N GLN A 300 11.91 -2.20 -18.22
CA GLN A 300 11.29 -0.84 -18.26
C GLN A 300 12.36 0.23 -18.03
N ARG A 301 13.29 0.01 -17.12
CA ARG A 301 14.39 0.98 -16.86
C ARG A 301 15.34 1.06 -18.06
N ALA A 302 15.71 -0.09 -18.62
CA ALA A 302 16.58 -0.17 -19.82
C ALA A 302 15.98 0.70 -20.94
N ALA A 303 14.67 0.59 -21.16
CA ALA A 303 13.95 1.33 -22.23
C ALA A 303 13.78 2.82 -21.86
N ALA A 304 13.67 3.17 -20.57
CA ALA A 304 13.42 4.57 -20.15
C ALA A 304 14.74 5.36 -20.19
N GLN A 305 15.88 4.67 -20.15
CA GLN A 305 17.26 5.26 -20.03
C GLN A 305 17.55 6.25 -21.15
N GLY A 306 17.70 7.53 -20.80
CA GLY A 306 18.09 8.63 -21.70
C GLY A 306 16.94 9.04 -22.63
N ASN A 307 15.80 8.35 -22.55
CA ASN A 307 14.64 8.53 -23.48
C ASN A 307 13.57 9.45 -22.87
N LEU A 308 13.58 9.74 -21.56
CA LEU A 308 12.64 10.72 -20.91
C LEU A 308 13.29 12.09 -20.86
N PRO A 309 12.62 13.17 -21.29
CA PRO A 309 13.16 14.53 -21.14
C PRO A 309 13.31 14.99 -19.69
N ALA A 310 14.51 15.50 -19.39
CA ALA A 310 14.94 15.96 -18.05
C ALA A 310 14.34 17.32 -17.72
N GLY A 311 14.23 18.21 -18.70
CA GLY A 311 13.97 19.64 -18.42
C GLY A 311 15.29 20.36 -18.22
N VAL A 312 15.25 21.69 -18.02
CA VAL A 312 16.45 22.52 -17.77
C VAL A 312 16.86 22.28 -16.31
N LEU A 313 18.06 21.74 -16.11
CA LEU A 313 18.63 21.32 -14.82
C LEU A 313 19.83 22.21 -14.48
N THR A 314 20.07 22.48 -13.19
CA THR A 314 21.24 23.27 -12.72
C THR A 314 22.12 22.33 -11.86
N ASP A 315 23.10 22.87 -11.15
CA ASP A 315 24.06 22.13 -10.27
C ASP A 315 24.26 22.98 -9.00
N LEU A 316 24.94 22.44 -7.98
CA LEU A 316 25.17 23.23 -6.73
C LEU A 316 25.95 24.52 -7.06
N GLU A 317 26.97 24.46 -7.95
CA GLU A 317 27.83 25.64 -8.24
C GLU A 317 26.96 26.79 -8.79
N ALA A 318 26.21 26.53 -9.86
CA ALA A 318 25.30 27.52 -10.46
C ALA A 318 24.28 28.02 -9.43
N LEU A 319 23.87 27.21 -8.46
CA LEU A 319 22.90 27.69 -7.44
C LEU A 319 23.63 28.57 -6.42
N GLY A 320 24.97 28.45 -6.34
CA GLY A 320 25.80 29.14 -5.33
C GLY A 320 25.64 28.51 -3.94
N VAL A 321 25.69 27.18 -3.86
CA VAL A 321 25.39 26.44 -2.60
C VAL A 321 26.72 25.89 -2.07
N ASP A 322 27.03 26.18 -0.80
CA ASP A 322 28.24 25.64 -0.13
C ASP A 322 28.06 24.14 0.07
N LYS A 323 29.09 23.34 -0.24
CA LYS A 323 29.02 21.86 -0.12
C LYS A 323 28.59 21.53 1.31
N ALA A 324 29.25 22.10 2.31
CA ALA A 324 29.13 21.64 3.71
C ALA A 324 27.74 21.99 4.24
N GLN A 325 27.21 23.16 3.87
CA GLN A 325 25.84 23.59 4.27
C GLN A 325 24.83 22.57 3.70
N PHE A 326 25.12 22.02 2.52
CA PHE A 326 24.22 21.12 1.77
C PHE A 326 24.26 19.73 2.41
N VAL A 327 25.44 19.30 2.82
CA VAL A 327 25.65 18.03 3.60
C VAL A 327 24.81 18.09 4.89
N GLU A 328 24.78 19.25 5.57
CA GLU A 328 24.06 19.36 6.86
C GLU A 328 22.58 19.28 6.53
N ASP A 329 22.18 19.99 5.49
CA ASP A 329 20.77 20.02 5.00
C ASP A 329 20.31 18.60 4.71
N VAL A 330 21.13 17.79 4.03
CA VAL A 330 20.75 16.38 3.72
C VAL A 330 20.60 15.64 5.04
N ARG A 331 21.49 15.88 6.01
CA ARG A 331 21.43 15.23 7.34
C ARG A 331 20.10 15.58 8.02
N ARG A 332 19.70 16.85 7.99
CA ARG A 332 18.42 17.29 8.63
C ARG A 332 17.20 16.72 7.89
N ALA A 333 17.21 16.72 6.55
CA ALA A 333 16.19 16.06 5.71
C ALA A 333 16.09 14.58 6.08
N LEU A 334 17.24 13.91 6.20
CA LEU A 334 17.29 12.48 6.60
C LEU A 334 16.52 12.32 7.92
N TYR A 335 16.93 13.05 8.96
CA TYR A 335 16.36 13.00 10.33
C TYR A 335 14.85 13.24 10.34
N ALA A 336 14.41 14.38 9.82
CA ALA A 336 12.96 14.69 9.64
C ALA A 336 12.21 13.51 8.98
N SER A 337 12.73 13.01 7.88
CA SER A 337 12.05 11.95 7.09
C SER A 337 11.96 10.65 7.89
N LYS A 338 12.93 10.41 8.74
CA LYS A 338 12.92 9.23 9.63
C LYS A 338 11.83 9.43 10.67
N LEU A 339 11.75 10.62 11.23
CA LEU A 339 10.76 10.97 12.27
C LEU A 339 9.36 10.76 11.73
N VAL A 340 9.08 11.29 10.55
CA VAL A 340 7.78 11.13 9.81
C VAL A 340 7.48 9.63 9.66
N ALA A 341 8.45 8.84 9.14
CA ALA A 341 8.31 7.39 8.98
C ALA A 341 7.89 6.74 10.30
N TYR A 342 8.55 7.09 11.39
CA TYR A 342 8.34 6.48 12.73
C TYR A 342 7.00 6.93 13.29
N ALA A 343 6.66 8.20 13.13
CA ALA A 343 5.37 8.74 13.58
C ALA A 343 4.22 7.96 12.93
N GLN A 344 4.33 7.68 11.63
CA GLN A 344 3.39 6.84 10.86
C GLN A 344 3.43 5.41 11.44
N GLY A 345 4.59 4.78 11.53
CA GLY A 345 4.68 3.42 12.06
C GLY A 345 4.02 3.24 13.43
N PHE A 346 4.17 4.23 14.31
CA PHE A 346 3.66 4.14 15.70
C PHE A 346 2.15 4.41 15.69
N ASP A 347 1.69 5.15 14.67
CA ASP A 347 0.25 5.38 14.37
C ASP A 347 -0.40 4.05 13.98
N GLU A 348 0.29 3.29 13.13
CA GLU A 348 -0.16 1.97 12.65
C GLU A 348 -0.27 1.04 13.86
N ILE A 349 0.71 1.09 14.75
CA ILE A 349 0.71 0.27 16.00
C ILE A 349 -0.53 0.59 16.85
N LYS A 350 -0.80 1.88 17.09
CA LYS A 350 -1.92 2.39 17.92
C LYS A 350 -3.23 1.92 17.28
N ALA A 351 -3.33 1.95 15.94
CA ALA A 351 -4.56 1.55 15.18
C ALA A 351 -4.79 0.04 15.19
N GLY A 352 -3.74 -0.77 14.95
CA GLY A 352 -3.76 -2.23 15.15
C GLY A 352 -4.24 -2.56 16.56
N SER A 353 -3.65 -1.93 17.56
CA SER A 353 -3.93 -2.13 19.00
C SER A 353 -5.41 -1.85 19.30
N ASP A 354 -5.96 -0.71 18.84
CA ASP A 354 -7.40 -0.34 19.05
C ASP A 354 -8.30 -1.34 18.29
N GLU A 355 -7.99 -1.65 17.04
CA GLU A 355 -8.82 -2.57 16.20
C GLU A 355 -8.94 -3.92 16.93
N ASN A 356 -7.88 -4.39 17.62
CA ASN A 356 -7.83 -5.78 18.16
C ASN A 356 -7.87 -5.78 19.71
N ASN A 357 -8.14 -4.64 20.34
CA ASN A 357 -8.29 -4.53 21.82
C ASN A 357 -7.05 -5.09 22.53
N TRP A 358 -5.85 -4.69 22.08
CA TRP A 358 -4.52 -5.23 22.52
C TRP A 358 -3.86 -4.45 23.66
N ASP A 359 -4.12 -3.15 23.77
CA ASP A 359 -3.59 -2.24 24.82
C ASP A 359 -2.05 -2.13 24.78
N VAL A 360 -1.43 -2.31 23.61
CA VAL A 360 0.05 -2.30 23.38
C VAL A 360 0.67 -0.99 23.88
N ASP A 361 1.77 -1.06 24.64
CA ASP A 361 2.57 0.10 25.14
C ASP A 361 3.70 0.45 24.16
N PRO A 362 3.61 1.58 23.44
CA PRO A 362 4.68 1.97 22.50
C PRO A 362 6.06 2.01 23.17
N ARG A 363 6.06 2.33 24.45
CA ARG A 363 7.28 2.40 25.28
C ARG A 363 8.00 1.06 25.26
N ASP A 364 7.28 -0.04 25.36
CA ASP A 364 7.89 -1.39 25.35
C ASP A 364 8.60 -1.64 24.02
N LEU A 365 7.95 -1.34 22.91
CA LEU A 365 8.51 -1.58 21.56
C LEU A 365 9.77 -0.74 21.37
N ALA A 366 9.69 0.54 21.70
CA ALA A 366 10.83 1.47 21.56
C ALA A 366 11.99 1.00 22.45
N THR A 367 11.70 0.46 23.63
CA THR A 367 12.72 -0.09 24.55
C THR A 367 13.33 -1.38 24.00
N ILE A 368 12.54 -2.36 23.57
CA ILE A 368 13.12 -3.67 23.14
C ILE A 368 13.69 -3.62 21.73
N TRP A 369 13.50 -2.53 21.00
CA TRP A 369 14.07 -2.47 19.63
C TRP A 369 15.47 -1.87 19.65
N ARG A 370 16.00 -1.59 20.84
CA ARG A 370 17.34 -0.99 21.04
C ARG A 370 18.45 -2.02 20.82
N GLY A 371 18.11 -3.31 20.80
CA GLY A 371 19.08 -4.36 20.51
C GLY A 371 18.50 -5.54 19.76
N GLY A 372 19.38 -6.29 19.10
CA GLY A 372 19.05 -7.55 18.41
C GLY A 372 18.33 -7.35 17.09
N CYS A 373 18.17 -6.12 16.61
CA CYS A 373 17.49 -5.86 15.32
C CYS A 373 18.24 -4.77 14.54
N ILE A 374 17.95 -4.65 13.25
CA ILE A 374 18.62 -3.72 12.29
C ILE A 374 18.27 -2.24 12.56
N ILE A 375 17.13 -1.96 13.15
CA ILE A 375 16.73 -0.53 13.35
C ILE A 375 17.26 0.03 14.65
N ARG A 376 18.01 -0.76 15.41
CA ARG A 376 18.56 -0.28 16.69
C ARG A 376 19.27 1.07 16.49
N ALA A 377 18.88 2.04 17.30
CA ALA A 377 19.44 3.39 17.25
C ALA A 377 19.08 4.09 18.55
N LYS A 378 19.88 5.07 18.98
CA LYS A 378 19.67 5.90 20.19
C LYS A 378 18.33 6.64 20.10
N PHE A 379 17.94 7.05 18.91
CA PHE A 379 16.66 7.67 18.50
C PHE A 379 15.46 7.08 19.24
N LEU A 380 15.35 5.75 19.35
CA LEU A 380 14.27 4.98 20.04
C LEU A 380 14.02 5.45 21.47
N ASN A 381 15.05 5.86 22.20
CA ASN A 381 14.92 6.37 23.58
C ASN A 381 13.99 7.59 23.65
N ARG A 382 14.03 8.49 22.67
CA ARG A 382 13.16 9.70 22.67
C ARG A 382 11.69 9.32 22.45
N ILE A 383 11.43 8.18 21.80
CA ILE A 383 10.06 7.68 21.57
C ILE A 383 9.53 7.14 22.90
N VAL A 384 10.40 6.44 23.61
CA VAL A 384 10.07 5.90 24.95
C VAL A 384 9.70 7.07 25.86
N GLU A 385 10.51 8.13 25.84
CA GLU A 385 10.32 9.32 26.71
C GLU A 385 9.04 10.06 26.38
N ALA A 386 8.68 10.06 25.10
CA ALA A 386 7.62 10.91 24.55
C ALA A 386 6.27 10.42 25.07
N TYR A 387 6.14 9.08 25.05
CA TYR A 387 4.93 8.32 25.44
C TYR A 387 4.89 8.25 26.97
N ASP A 388 6.07 8.16 27.58
CA ASP A 388 6.24 8.24 29.04
C ASP A 388 5.69 9.57 29.52
N ALA A 389 5.93 10.67 28.79
CA ALA A 389 5.45 12.03 29.16
C ALA A 389 3.95 12.20 28.87
N ASN A 390 3.41 11.47 27.89
CA ASN A 390 2.02 11.59 27.39
C ASN A 390 1.61 10.27 26.76
N ALA A 391 1.03 9.35 27.52
CA ALA A 391 0.56 8.03 27.02
C ALA A 391 -0.26 8.23 25.73
N GLU A 392 -1.01 9.34 25.62
CA GLU A 392 -2.07 9.59 24.59
C GLU A 392 -1.62 10.61 23.53
N LEU A 393 -0.33 10.89 23.41
CA LEU A 393 0.29 11.65 22.29
C LEU A 393 -0.37 11.24 20.97
N GLU A 394 -0.91 12.21 20.24
CA GLU A 394 -1.63 11.97 18.96
C GLU A 394 -0.65 11.77 17.78
N SER A 395 0.62 12.23 17.89
CA SER A 395 1.71 11.98 16.91
C SER A 395 3.07 12.24 17.57
N LEU A 396 4.06 11.39 17.33
CA LEU A 396 5.47 11.61 17.73
C LEU A 396 5.96 12.98 17.29
N LEU A 397 5.41 13.52 16.22
CA LEU A 397 5.71 14.89 15.74
C LEU A 397 5.33 15.95 16.79
N LEU A 398 4.36 15.66 17.67
CA LEU A 398 3.79 16.64 18.62
C LEU A 398 4.45 16.54 20.02
N ASP A 399 5.29 15.53 20.24
CA ASP A 399 6.18 15.42 21.41
C ASP A 399 7.06 16.66 21.48
N PRO A 400 7.18 17.33 22.65
CA PRO A 400 7.88 18.62 22.73
C PRO A 400 9.35 18.59 22.27
N TYR A 401 10.06 17.51 22.63
CA TYR A 401 11.46 17.25 22.19
C TYR A 401 11.54 17.27 20.65
N PHE A 402 10.77 16.40 20.02
CA PHE A 402 10.76 16.20 18.55
C PHE A 402 10.25 17.45 17.83
N LYS A 403 9.20 18.07 18.36
CA LYS A 403 8.62 19.33 17.80
C LYS A 403 9.71 20.42 17.88
N SER A 404 10.51 20.41 18.93
CA SER A 404 11.65 21.34 19.14
C SER A 404 12.68 21.08 18.03
N GLU A 405 12.97 19.82 17.71
CA GLU A 405 13.93 19.39 16.64
C GLU A 405 13.44 19.82 15.24
N LEU A 406 12.19 19.51 14.93
CA LEU A 406 11.54 19.91 13.66
C LEU A 406 11.79 21.42 13.39
N GLY A 407 11.66 22.28 14.40
CA GLY A 407 11.96 23.73 14.31
C GLY A 407 13.31 24.03 13.66
N ASP A 408 14.34 23.22 13.90
CA ASP A 408 15.71 23.40 13.36
C ASP A 408 15.95 22.51 12.13
N LEU A 409 14.99 21.69 11.72
CA LEU A 409 15.13 20.75 10.58
C LEU A 409 14.46 21.33 9.33
N ILE A 410 13.36 22.05 9.54
CA ILE A 410 12.35 22.34 8.49
C ILE A 410 13.00 23.11 7.35
N ASP A 411 13.84 24.12 7.59
CA ASP A 411 14.36 24.99 6.50
C ASP A 411 15.29 24.16 5.62
N SER A 412 16.19 23.41 6.23
CA SER A 412 17.11 22.46 5.54
C SER A 412 16.32 21.46 4.69
N TRP A 413 15.29 20.87 5.29
CA TRP A 413 14.34 19.92 4.64
C TRP A 413 13.78 20.56 3.35
N ARG A 414 13.21 21.77 3.43
CA ARG A 414 12.63 22.51 2.26
C ARG A 414 13.73 22.77 1.22
N ARG A 415 14.91 23.20 1.66
CA ARG A 415 16.02 23.46 0.74
C ARG A 415 16.41 22.14 0.06
N VAL A 416 16.27 21.00 0.72
CA VAL A 416 16.72 19.71 0.11
C VAL A 416 15.75 19.33 -1.03
N ILE A 417 14.45 19.40 -0.81
CA ILE A 417 13.46 19.05 -1.87
C ILE A 417 13.61 20.02 -3.04
N VAL A 418 13.64 21.32 -2.79
CA VAL A 418 13.88 22.34 -3.84
C VAL A 418 15.14 21.99 -4.64
N THR A 419 16.27 21.81 -3.98
CA THR A 419 17.54 21.63 -4.72
C THR A 419 17.48 20.33 -5.52
N ALA A 420 16.88 19.28 -4.98
CA ALA A 420 16.87 17.97 -5.66
C ALA A 420 16.07 18.07 -6.98
N THR A 421 14.93 18.75 -6.94
CA THR A 421 14.05 18.98 -8.12
C THR A 421 14.87 19.74 -9.17
N GLN A 422 15.60 20.76 -8.77
CA GLN A 422 16.38 21.62 -9.70
C GLN A 422 17.54 20.82 -10.33
N LEU A 423 17.94 19.68 -9.77
CA LEU A 423 18.98 18.77 -10.36
C LEU A 423 18.34 17.47 -10.86
N GLY A 424 17.02 17.35 -10.83
CA GLY A 424 16.32 16.11 -11.27
C GLY A 424 16.80 14.86 -10.56
N LEU A 425 16.95 14.89 -9.24
CA LEU A 425 17.40 13.69 -8.48
C LEU A 425 16.21 13.12 -7.73
N PRO A 426 15.90 11.72 -7.74
CA PRO A 426 14.73 10.73 -7.06
C PRO A 426 14.94 10.99 -5.56
N ILE A 427 13.90 11.45 -4.88
CA ILE A 427 13.87 11.71 -3.42
C ILE A 427 12.48 11.30 -2.92
N PRO A 428 11.92 10.00 -3.19
CA PRO A 428 10.50 9.18 -2.85
C PRO A 428 10.09 9.50 -1.40
N VAL A 429 10.97 9.31 -0.43
CA VAL A 429 10.57 9.51 0.99
C VAL A 429 10.78 10.95 1.48
N PHE A 430 11.91 11.59 1.21
CA PHE A 430 12.17 12.97 1.68
C PHE A 430 11.01 13.88 1.26
N ALA A 431 10.68 13.87 -0.01
CA ALA A 431 9.61 14.68 -0.59
C ALA A 431 8.22 14.24 -0.10
N SER A 432 7.93 12.94 -0.07
CA SER A 432 6.60 12.47 0.40
C SER A 432 6.38 12.76 1.88
N SER A 433 7.45 12.80 2.67
CA SER A 433 7.36 13.08 4.12
C SER A 433 7.00 14.55 4.33
N LEU A 434 7.57 15.42 3.53
CA LEU A 434 7.35 16.88 3.67
C LEU A 434 5.91 17.20 3.27
N SER A 435 5.40 16.50 2.27
CA SER A 435 4.01 16.69 1.81
C SER A 435 3.04 16.21 2.89
N TYR A 436 3.40 15.15 3.58
CA TYR A 436 2.59 14.59 4.69
C TYR A 436 2.59 15.59 5.85
N TYR A 437 3.76 16.17 6.11
CA TYR A 437 4.02 17.17 7.18
C TYR A 437 3.15 18.43 6.93
N ASP A 438 3.26 18.99 5.73
CA ASP A 438 2.50 20.20 5.32
C ASP A 438 1.00 19.90 5.22
N SER A 439 0.64 18.61 5.12
CA SER A 439 -0.76 18.12 5.08
C SER A 439 -1.34 18.18 6.51
N LEU A 440 -0.66 17.53 7.45
CA LEU A 440 -0.97 17.51 8.92
C LEU A 440 -1.11 18.93 9.46
N ARG A 441 -0.24 19.86 9.10
CA ARG A 441 -0.27 21.22 9.67
C ARG A 441 -1.39 22.08 9.02
N ALA A 442 -1.96 21.69 7.86
CA ALA A 442 -2.94 22.53 7.09
C ALA A 442 -4.30 22.52 7.79
N GLU A 443 -5.00 23.64 7.75
CA GLU A 443 -6.37 23.86 8.27
C GLU A 443 -7.39 23.23 7.30
N ARG A 444 -7.21 23.46 5.99
CA ARG A 444 -8.15 22.97 4.94
C ARG A 444 -7.40 22.15 3.89
N LEU A 445 -7.83 20.91 3.69
CA LEU A 445 -7.25 19.99 2.67
C LEU A 445 -8.17 19.82 1.46
N PRO A 446 -7.63 19.40 0.29
CA PRO A 446 -8.44 19.22 -0.92
C PRO A 446 -9.44 18.06 -0.89
N ALA A 447 -9.59 17.38 0.25
CA ALA A 447 -10.62 16.34 0.52
C ALA A 447 -12.02 16.95 0.45
N ALA A 448 -12.19 18.19 0.96
CA ALA A 448 -13.47 18.97 0.92
C ALA A 448 -14.05 18.91 -0.49
N LEU A 449 -13.18 19.09 -1.50
CA LEU A 449 -13.54 19.10 -2.94
C LEU A 449 -13.77 17.66 -3.42
N ILE A 450 -13.00 16.69 -2.93
CA ILE A 450 -13.22 15.23 -3.22
C ILE A 450 -14.61 14.86 -2.69
N GLN A 451 -14.99 15.36 -1.51
CA GLN A 451 -16.33 15.10 -0.96
C GLN A 451 -17.36 15.69 -1.93
N GLY A 452 -17.12 16.91 -2.38
CA GLY A 452 -17.95 17.57 -3.38
C GLY A 452 -18.10 16.73 -4.63
N GLN A 453 -16.99 16.30 -5.23
CA GLN A 453 -17.08 15.49 -6.47
C GLN A 453 -17.93 14.26 -6.23
N ARG A 454 -17.66 13.51 -5.16
CA ARG A 454 -18.40 12.28 -4.80
C ARG A 454 -19.89 12.57 -4.61
N ASP A 455 -20.26 13.70 -4.02
CA ASP A 455 -21.71 13.98 -3.85
C ASP A 455 -22.32 14.25 -5.22
N PHE A 456 -21.57 14.91 -6.10
CA PHE A 456 -22.07 15.24 -7.45
C PHE A 456 -22.30 13.98 -8.27
N PHE A 457 -21.29 13.15 -8.42
CA PHE A 457 -21.43 11.99 -9.33
C PHE A 457 -22.08 10.77 -8.66
N GLY A 458 -22.20 10.72 -7.35
CA GLY A 458 -22.72 9.47 -6.79
C GLY A 458 -23.69 9.67 -5.66
N ALA A 459 -24.05 10.92 -5.38
CA ALA A 459 -24.94 11.28 -4.24
C ALA A 459 -24.36 10.60 -3.01
N HIS A 460 -23.03 10.65 -2.89
CA HIS A 460 -22.28 9.94 -1.83
C HIS A 460 -22.43 10.55 -0.45
N THR A 461 -22.92 11.80 -0.36
CA THR A 461 -23.20 12.60 0.85
C THR A 461 -21.94 13.28 1.40
N TYR A 462 -22.15 14.39 2.09
CA TYR A 462 -21.01 15.09 2.71
C TYR A 462 -21.45 15.60 4.08
N LYS A 463 -20.51 15.67 5.00
CA LYS A 463 -20.75 16.28 6.34
C LYS A 463 -20.43 17.78 6.28
N ARG A 464 -20.90 18.52 7.28
CA ARG A 464 -20.77 20.00 7.32
C ARG A 464 -20.02 20.43 8.58
N ILE A 465 -19.31 21.54 8.51
CA ILE A 465 -18.49 22.04 9.64
C ILE A 465 -19.42 22.52 10.77
N ASP A 466 -20.62 23.03 10.47
CA ASP A 466 -21.44 23.84 11.40
C ASP A 466 -22.60 23.02 11.98
N LYS A 467 -22.95 21.89 11.34
CA LYS A 467 -24.16 21.08 11.59
C LYS A 467 -23.79 19.59 11.43
N ASP A 468 -24.23 18.74 12.37
CA ASP A 468 -23.89 17.30 12.43
C ASP A 468 -24.74 16.52 11.42
N GLY A 469 -24.37 15.27 11.17
CA GLY A 469 -25.04 14.37 10.19
C GLY A 469 -24.56 14.62 8.77
N SER A 470 -25.19 13.91 7.83
CA SER A 470 -24.88 13.88 6.39
C SER A 470 -25.82 14.80 5.59
N PHE A 471 -25.32 15.33 4.48
CA PHE A 471 -26.09 16.27 3.62
C PHE A 471 -25.87 15.95 2.15
N HIS A 472 -26.80 16.40 1.30
CA HIS A 472 -26.71 16.17 -0.16
C HIS A 472 -27.26 17.38 -0.92
N THR A 473 -26.51 17.86 -1.91
CA THR A 473 -26.97 18.92 -2.85
C THR A 473 -27.66 18.24 -4.05
N GLU A 474 -28.83 18.77 -4.46
CA GLU A 474 -29.64 18.28 -5.61
C GLU A 474 -28.99 18.83 -6.88
N TRP A 475 -27.82 18.30 -7.22
CA TRP A 475 -26.98 18.74 -8.37
C TRP A 475 -27.78 18.70 -9.67
N SER A 476 -28.31 17.53 -10.01
CA SER A 476 -29.16 17.41 -11.21
C SER A 476 -30.38 18.32 -11.09
N GLY A 477 -30.87 18.60 -9.87
CA GLY A 477 -32.11 19.37 -9.61
C GLY A 477 -31.90 20.86 -9.36
N ASP A 478 -32.49 21.40 -8.29
CA ASP A 478 -32.61 22.86 -8.00
C ASP A 478 -31.34 23.43 -7.34
N ARG A 479 -30.38 22.57 -6.99
CA ARG A 479 -29.09 22.96 -6.34
C ARG A 479 -29.31 23.44 -4.90
N SER A 480 -30.45 23.09 -4.33
CA SER A 480 -30.74 23.27 -2.88
C SER A 480 -30.02 22.15 -2.10
N GLU A 481 -29.90 22.33 -0.80
CA GLU A 481 -29.27 21.31 0.07
C GLU A 481 -30.32 20.65 0.96
N VAL A 482 -30.28 19.32 1.06
CA VAL A 482 -31.23 18.50 1.89
C VAL A 482 -30.43 17.59 2.84
N GLU A 483 -31.05 17.19 3.95
CA GLU A 483 -30.50 16.18 4.91
C GLU A 483 -30.49 14.80 4.24
N ALA A 484 -29.55 13.96 4.64
CA ALA A 484 -29.39 12.61 4.06
C ALA A 484 -29.63 11.55 5.14
N ASP B 5 -42.02 -18.95 -25.01
CA ASP B 5 -42.34 -17.51 -24.81
C ASP B 5 -42.79 -17.28 -23.36
N ASN B 6 -42.88 -16.01 -22.96
CA ASN B 6 -43.18 -15.48 -21.61
C ASN B 6 -41.92 -15.68 -20.75
N LEU B 7 -40.76 -15.70 -21.41
CA LEU B 7 -39.44 -15.91 -20.72
C LEU B 7 -38.59 -14.65 -20.85
N ALA B 8 -37.77 -14.38 -19.84
CA ALA B 8 -36.85 -13.22 -19.83
C ALA B 8 -35.53 -13.66 -20.49
N GLN B 9 -34.86 -12.73 -21.17
CA GLN B 9 -33.57 -13.03 -21.85
C GLN B 9 -32.47 -12.95 -20.80
N ILE B 10 -32.62 -12.00 -19.87
CA ILE B 10 -31.64 -11.73 -18.79
C ILE B 10 -32.39 -11.59 -17.47
N GLY B 11 -31.74 -11.96 -16.37
CA GLY B 11 -32.28 -11.83 -15.02
C GLY B 11 -31.30 -11.15 -14.09
N VAL B 12 -31.82 -10.31 -13.21
CA VAL B 12 -31.07 -9.58 -12.14
C VAL B 12 -31.53 -10.09 -10.78
N VAL B 13 -30.58 -10.55 -9.94
CA VAL B 13 -30.76 -10.88 -8.49
C VAL B 13 -30.18 -9.75 -7.61
N GLY B 14 -31.01 -9.13 -6.77
CA GLY B 14 -30.52 -8.03 -5.93
C GLY B 14 -31.21 -6.74 -6.32
N LEU B 15 -32.33 -6.45 -5.70
CA LEU B 15 -33.12 -5.29 -6.13
C LEU B 15 -32.94 -4.05 -5.25
N ALA B 16 -31.70 -3.66 -4.99
CA ALA B 16 -31.42 -2.38 -4.31
C ALA B 16 -31.16 -1.31 -5.38
N VAL B 17 -30.52 -0.19 -5.08
CA VAL B 17 -30.39 0.82 -6.16
C VAL B 17 -29.53 0.27 -7.32
N MET B 18 -28.34 -0.26 -7.06
CA MET B 18 -27.66 -0.94 -8.20
C MET B 18 -28.38 -2.28 -8.32
N GLY B 19 -28.88 -2.61 -9.50
CA GLY B 19 -29.69 -3.83 -9.61
C GLY B 19 -31.07 -3.41 -10.08
N SER B 20 -31.79 -2.63 -9.27
CA SER B 20 -33.09 -2.10 -9.73
C SER B 20 -32.80 -1.19 -10.91
N ASN B 21 -31.79 -0.33 -10.78
CA ASN B 21 -31.45 0.60 -11.89
C ASN B 21 -30.98 -0.23 -13.09
N LEU B 22 -30.17 -1.27 -12.85
CA LEU B 22 -29.65 -2.17 -13.94
C LEU B 22 -30.81 -2.89 -14.64
N ALA B 23 -31.68 -3.56 -13.87
CA ALA B 23 -32.92 -4.22 -14.40
C ALA B 23 -33.74 -3.23 -15.23
N ARG B 24 -33.92 -2.02 -14.71
CA ARG B 24 -34.64 -0.93 -15.40
C ARG B 24 -33.87 -0.50 -16.65
N ASN B 25 -32.54 -0.68 -16.68
CA ASN B 25 -31.70 -0.34 -17.85
C ASN B 25 -32.04 -1.33 -18.95
N PHE B 26 -31.86 -2.63 -18.69
CA PHE B 26 -32.24 -3.73 -19.61
C PHE B 26 -33.67 -3.53 -20.15
N ALA B 27 -34.65 -3.23 -19.27
CA ALA B 27 -36.07 -3.12 -19.66
C ALA B 27 -36.22 -1.97 -20.65
N ARG B 28 -35.80 -0.74 -20.26
CA ARG B 28 -35.87 0.48 -21.11
C ARG B 28 -35.21 0.19 -22.46
N ASN B 29 -34.26 -0.75 -22.55
CA ASN B 29 -33.60 -1.11 -23.84
C ASN B 29 -34.27 -2.35 -24.42
N GLY B 30 -35.55 -2.54 -24.12
CA GLY B 30 -36.45 -3.50 -24.81
C GLY B 30 -36.01 -4.95 -24.71
N ASN B 31 -35.38 -5.35 -23.61
CA ASN B 31 -35.23 -6.79 -23.28
C ASN B 31 -36.29 -7.12 -22.23
N THR B 32 -36.71 -8.38 -22.15
CA THR B 32 -37.55 -8.89 -21.03
C THR B 32 -36.64 -9.33 -19.88
N VAL B 33 -36.87 -8.79 -18.67
CA VAL B 33 -35.93 -8.90 -17.53
C VAL B 33 -36.65 -9.56 -16.34
N ALA B 34 -36.08 -10.64 -15.83
CA ALA B 34 -36.61 -11.32 -14.63
C ALA B 34 -36.02 -10.59 -13.41
N VAL B 35 -36.82 -10.36 -12.40
CA VAL B 35 -36.37 -9.63 -11.18
C VAL B 35 -36.75 -10.45 -9.93
N TYR B 36 -35.76 -10.73 -9.12
CA TYR B 36 -35.93 -11.50 -7.86
C TYR B 36 -35.03 -10.86 -6.81
N ASN B 37 -35.54 -10.76 -5.58
CA ASN B 37 -34.74 -10.23 -4.46
C ASN B 37 -35.17 -11.01 -3.22
N ARG B 38 -34.21 -11.62 -2.50
CA ARG B 38 -34.43 -12.43 -1.27
C ARG B 38 -35.59 -11.86 -0.46
N SER B 39 -35.48 -10.61 -0.02
CA SER B 39 -36.61 -9.94 0.68
C SER B 39 -37.56 -9.44 -0.43
N THR B 40 -38.81 -9.87 -0.44
CA THR B 40 -39.76 -9.61 -1.56
C THR B 40 -40.30 -8.18 -1.66
N ASP B 41 -40.18 -7.39 -0.61
CA ASP B 41 -40.58 -5.95 -0.50
C ASP B 41 -39.91 -5.16 -1.64
N LYS B 42 -38.64 -5.43 -1.91
CA LYS B 42 -37.90 -4.68 -2.96
C LYS B 42 -38.49 -5.06 -4.31
N THR B 43 -38.71 -6.35 -4.54
CA THR B 43 -39.27 -6.85 -5.84
C THR B 43 -40.60 -6.14 -6.11
N ASP B 44 -41.37 -5.80 -5.07
CA ASP B 44 -42.66 -5.07 -5.20
C ASP B 44 -42.42 -3.62 -5.60
N LYS B 45 -41.58 -2.89 -4.85
CA LYS B 45 -41.32 -1.43 -5.07
C LYS B 45 -40.96 -1.20 -6.54
N LEU B 46 -40.19 -2.13 -7.12
CA LEU B 46 -39.74 -2.02 -8.53
C LEU B 46 -40.95 -2.07 -9.46
N ILE B 47 -41.73 -3.15 -9.37
CA ILE B 47 -42.93 -3.31 -10.24
C ILE B 47 -43.88 -2.14 -9.94
N ALA B 48 -43.95 -1.66 -8.70
CA ALA B 48 -44.92 -0.61 -8.31
C ALA B 48 -44.53 0.69 -8.98
N ASP B 49 -43.24 1.01 -9.03
CA ASP B 49 -42.84 2.34 -9.52
C ASP B 49 -42.28 2.32 -10.94
N HIS B 50 -41.51 1.30 -11.29
CA HIS B 50 -40.84 1.33 -12.62
C HIS B 50 -41.32 0.21 -13.53
N GLY B 51 -42.42 -0.44 -13.18
CA GLY B 51 -43.02 -1.54 -13.98
C GLY B 51 -43.49 -1.07 -15.34
N SER B 52 -43.87 0.20 -15.46
CA SER B 52 -44.30 0.86 -16.70
C SER B 52 -43.14 1.12 -17.67
N GLU B 53 -41.89 0.95 -17.25
CA GLU B 53 -40.72 1.23 -18.12
C GLU B 53 -40.42 0.07 -19.06
N GLY B 54 -40.87 -1.13 -18.74
CA GLY B 54 -40.59 -2.27 -19.64
C GLY B 54 -41.19 -3.57 -19.16
N ASN B 55 -40.87 -4.67 -19.83
CA ASN B 55 -41.41 -6.00 -19.46
C ASN B 55 -40.48 -6.66 -18.44
N PHE B 56 -40.94 -6.71 -17.19
CA PHE B 56 -40.29 -7.39 -16.05
C PHE B 56 -41.05 -8.69 -15.75
N ILE B 57 -40.33 -9.73 -15.45
CA ILE B 57 -41.08 -10.93 -15.03
C ILE B 57 -40.62 -11.16 -13.61
N PRO B 58 -41.19 -10.52 -12.39
CA PRO B 58 -40.93 -10.71 -10.95
C PRO B 58 -41.18 -12.15 -10.46
N SER B 59 -40.33 -12.65 -9.56
CA SER B 59 -40.43 -13.97 -8.87
C SER B 59 -40.16 -13.78 -7.36
N ALA B 60 -40.81 -14.57 -6.48
CA ALA B 60 -40.55 -14.55 -5.02
C ALA B 60 -39.49 -15.59 -4.66
N THR B 61 -39.32 -16.61 -5.47
CA THR B 61 -38.36 -17.68 -5.13
C THR B 61 -37.32 -17.83 -6.24
N VAL B 62 -36.18 -18.40 -5.88
CA VAL B 62 -35.05 -18.63 -6.83
C VAL B 62 -35.52 -19.61 -7.90
N GLU B 63 -36.29 -20.61 -7.53
CA GLU B 63 -36.81 -21.60 -8.49
C GLU B 63 -37.63 -20.88 -9.57
N GLU B 64 -38.57 -20.03 -9.16
CA GLU B 64 -39.43 -19.32 -10.13
C GLU B 64 -38.59 -18.39 -11.00
N PHE B 65 -37.61 -17.71 -10.40
CA PHE B 65 -36.71 -16.78 -11.12
C PHE B 65 -35.96 -17.53 -12.21
N VAL B 66 -35.37 -18.65 -11.86
CA VAL B 66 -34.62 -19.49 -12.84
C VAL B 66 -35.59 -20.17 -13.80
N ALA B 67 -36.85 -20.38 -13.43
CA ALA B 67 -37.80 -20.98 -14.37
C ALA B 67 -38.15 -19.98 -15.48
N SER B 68 -38.07 -18.68 -15.21
CA SER B 68 -38.44 -17.62 -16.19
C SER B 68 -37.28 -17.20 -17.10
N LEU B 69 -36.20 -17.96 -17.23
CA LEU B 69 -35.08 -17.48 -18.08
C LEU B 69 -34.92 -18.32 -19.35
N GLU B 70 -34.74 -17.69 -20.51
CA GLU B 70 -34.55 -18.46 -21.76
C GLU B 70 -33.18 -19.13 -21.75
N LYS B 71 -33.08 -20.33 -22.31
CA LYS B 71 -31.79 -21.05 -22.35
C LYS B 71 -30.92 -20.57 -23.51
N PRO B 72 -29.47 -20.44 -23.18
CA PRO B 72 -28.70 -20.60 -21.94
C PRO B 72 -29.08 -19.49 -20.94
N ARG B 73 -29.40 -19.91 -19.72
CA ARG B 73 -29.89 -19.00 -18.68
C ARG B 73 -28.81 -18.04 -18.22
N ARG B 74 -29.17 -16.77 -18.14
CA ARG B 74 -28.25 -15.68 -17.74
C ARG B 74 -28.86 -14.89 -16.58
N ALA B 75 -28.21 -14.94 -15.42
CA ALA B 75 -28.66 -14.20 -14.23
C ALA B 75 -27.49 -13.37 -13.66
N ILE B 76 -27.70 -12.07 -13.48
CA ILE B 76 -26.69 -11.16 -12.89
C ILE B 76 -26.99 -10.95 -11.40
N ILE B 77 -25.99 -11.26 -10.55
CA ILE B 77 -26.01 -11.03 -9.06
C ILE B 77 -25.52 -9.60 -8.76
N MET B 78 -26.35 -8.84 -8.05
CA MET B 78 -26.15 -7.44 -7.63
C MET B 78 -26.52 -7.28 -6.15
N VAL B 79 -25.70 -7.83 -5.23
CA VAL B 79 -25.91 -7.90 -3.75
C VAL B 79 -24.58 -7.60 -3.03
N GLN B 80 -24.59 -7.57 -1.70
CA GLN B 80 -23.39 -7.33 -0.86
C GLN B 80 -22.24 -8.29 -1.27
N ALA B 81 -21.08 -7.70 -1.48
CA ALA B 81 -19.89 -8.48 -1.85
C ALA B 81 -19.50 -9.37 -0.67
N GLY B 82 -19.06 -10.59 -0.93
CA GLY B 82 -18.66 -11.46 0.18
C GLY B 82 -19.60 -12.63 0.39
N ASN B 83 -20.04 -12.85 1.62
CA ASN B 83 -20.85 -14.05 1.93
C ASN B 83 -22.21 -13.98 1.24
N ALA B 84 -22.76 -12.79 1.09
CA ALA B 84 -24.08 -12.59 0.44
C ALA B 84 -24.01 -13.04 -1.02
N THR B 85 -22.89 -12.80 -1.69
CA THR B 85 -22.71 -13.13 -3.10
C THR B 85 -22.42 -14.62 -3.29
N ASP B 86 -21.68 -15.23 -2.37
CA ASP B 86 -21.36 -16.68 -2.51
C ASP B 86 -22.61 -17.53 -2.29
N ALA B 87 -23.57 -17.04 -1.51
CA ALA B 87 -24.82 -17.76 -1.22
C ALA B 87 -25.72 -17.81 -2.45
N VAL B 88 -26.03 -16.64 -3.02
CA VAL B 88 -26.91 -16.52 -4.22
C VAL B 88 -26.39 -17.46 -5.32
N ILE B 89 -25.08 -17.60 -5.45
CA ILE B 89 -24.38 -18.43 -6.49
C ILE B 89 -24.78 -19.90 -6.33
N ASN B 90 -24.76 -20.43 -5.10
CA ASN B 90 -25.12 -21.85 -4.80
C ASN B 90 -26.62 -22.04 -5.00
N GLN B 91 -27.42 -21.07 -4.57
CA GLN B 91 -28.88 -21.11 -4.73
C GLN B 91 -29.24 -21.23 -6.21
N LEU B 92 -28.45 -20.60 -7.08
CA LEU B 92 -28.66 -20.55 -8.56
C LEU B 92 -28.17 -21.86 -9.16
N ALA B 93 -26.92 -22.22 -8.87
CA ALA B 93 -26.37 -23.47 -9.40
C ALA B 93 -27.21 -24.66 -8.94
N ASP B 94 -27.92 -24.54 -7.81
CA ASP B 94 -28.72 -25.67 -7.26
C ASP B 94 -30.06 -25.78 -7.98
N ALA B 95 -30.32 -24.90 -8.94
CA ALA B 95 -31.60 -24.84 -9.68
C ALA B 95 -31.39 -24.71 -11.19
N MET B 96 -30.18 -24.36 -11.60
CA MET B 96 -29.87 -24.12 -13.04
C MET B 96 -29.61 -25.43 -13.78
N ASP B 97 -29.49 -25.35 -15.11
CA ASP B 97 -29.20 -26.53 -15.95
C ASP B 97 -27.78 -26.40 -16.50
N GLU B 98 -27.11 -27.51 -16.79
CA GLU B 98 -25.73 -27.50 -17.34
C GLU B 98 -25.65 -26.55 -18.55
N GLY B 99 -24.66 -25.66 -18.58
CA GLY B 99 -24.58 -24.72 -19.70
C GLY B 99 -25.22 -23.39 -19.37
N ASP B 100 -25.72 -23.23 -18.16
CA ASP B 100 -26.32 -21.93 -17.76
C ASP B 100 -25.19 -20.98 -17.33
N ILE B 101 -25.54 -19.72 -17.17
CA ILE B 101 -24.55 -18.62 -16.89
C ILE B 101 -24.99 -17.81 -15.67
N ILE B 102 -24.07 -17.74 -14.71
CA ILE B 102 -24.15 -16.92 -13.46
C ILE B 102 -23.13 -15.80 -13.66
N ILE B 103 -23.62 -14.57 -13.52
CA ILE B 103 -22.78 -13.33 -13.63
C ILE B 103 -22.86 -12.60 -12.29
N ASP B 104 -21.69 -12.31 -11.71
CA ASP B 104 -21.60 -11.47 -10.48
C ASP B 104 -21.24 -10.04 -10.92
N GLY B 105 -22.12 -9.10 -10.68
CA GLY B 105 -21.89 -7.70 -11.08
C GLY B 105 -21.52 -6.80 -9.92
N GLY B 106 -21.26 -7.36 -8.72
CA GLY B 106 -20.90 -6.56 -7.54
C GLY B 106 -19.40 -6.29 -7.46
N ASN B 107 -18.98 -5.47 -6.51
CA ASN B 107 -17.54 -5.10 -6.35
C ASN B 107 -16.78 -6.21 -5.64
N ALA B 108 -16.74 -7.36 -6.30
CA ALA B 108 -16.11 -8.59 -5.81
C ALA B 108 -14.60 -8.45 -5.82
N LEU B 109 -13.98 -9.14 -4.88
CA LEU B 109 -12.51 -9.24 -4.88
C LEU B 109 -12.21 -10.17 -6.05
N TYR B 110 -11.16 -9.89 -6.81
CA TYR B 110 -10.84 -10.69 -8.02
C TYR B 110 -10.32 -12.09 -7.69
N THR B 111 -9.87 -12.32 -6.46
CA THR B 111 -9.39 -13.65 -6.04
C THR B 111 -10.60 -14.52 -5.69
N ASP B 112 -11.69 -13.94 -5.24
CA ASP B 112 -12.88 -14.78 -4.97
C ASP B 112 -13.49 -15.17 -6.32
N THR B 113 -13.38 -14.28 -7.30
CA THR B 113 -13.97 -14.49 -8.64
C THR B 113 -13.24 -15.62 -9.35
N ILE B 114 -11.92 -15.70 -9.19
CA ILE B 114 -11.12 -16.77 -9.84
C ILE B 114 -11.50 -18.12 -9.21
N ARG B 115 -11.75 -18.11 -7.91
CA ARG B 115 -12.10 -19.33 -7.16
C ARG B 115 -13.53 -19.72 -7.50
N ARG B 116 -14.44 -18.75 -7.57
CA ARG B 116 -15.85 -18.98 -7.89
C ARG B 116 -15.95 -19.57 -9.29
N GLU B 117 -15.12 -19.10 -10.21
CA GLU B 117 -15.03 -19.64 -11.59
C GLU B 117 -14.78 -21.13 -11.50
N LYS B 118 -13.66 -21.56 -10.93
CA LYS B 118 -13.34 -23.02 -10.87
C LYS B 118 -14.42 -23.82 -10.15
N GLU B 119 -15.01 -23.29 -9.08
CA GLU B 119 -16.08 -24.04 -8.38
C GLU B 119 -17.25 -24.27 -9.33
N ILE B 120 -17.72 -23.20 -9.95
CA ILE B 120 -18.87 -23.28 -10.89
C ILE B 120 -18.44 -23.96 -12.19
N SER B 121 -17.22 -23.71 -12.68
CA SER B 121 -16.75 -24.33 -13.94
C SER B 121 -16.87 -25.85 -13.81
N ALA B 122 -16.46 -26.36 -12.65
CA ALA B 122 -16.53 -27.81 -12.35
C ALA B 122 -17.94 -28.31 -12.62
N ARG B 123 -18.94 -27.69 -12.02
CA ARG B 123 -20.34 -28.20 -12.10
C ARG B 123 -20.99 -28.12 -13.49
N GLY B 124 -20.24 -27.89 -14.57
CA GLY B 124 -20.77 -27.85 -15.95
C GLY B 124 -21.27 -26.49 -16.35
N LEU B 125 -21.31 -25.54 -15.41
CA LEU B 125 -21.85 -24.19 -15.65
C LEU B 125 -20.72 -23.26 -16.04
N HIS B 126 -21.10 -22.04 -16.42
CA HIS B 126 -20.17 -20.95 -16.77
C HIS B 126 -20.34 -19.81 -15.76
N PHE B 127 -19.24 -19.20 -15.35
CA PHE B 127 -19.26 -18.12 -14.35
C PHE B 127 -18.61 -16.85 -14.91
N VAL B 128 -19.28 -15.73 -14.75
CA VAL B 128 -18.76 -14.45 -15.27
C VAL B 128 -18.63 -13.42 -14.13
N GLY B 129 -17.44 -12.86 -13.98
CA GLY B 129 -17.21 -11.77 -13.04
C GLY B 129 -17.20 -10.47 -13.82
N ALA B 130 -18.14 -9.57 -13.58
CA ALA B 130 -18.34 -8.38 -14.42
C ALA B 130 -18.23 -7.10 -13.58
N GLY B 131 -17.20 -6.31 -13.87
CA GLY B 131 -17.04 -5.01 -13.21
C GLY B 131 -18.05 -4.05 -13.78
N ILE B 132 -18.82 -3.39 -12.95
CA ILE B 132 -19.83 -2.44 -13.46
C ILE B 132 -19.52 -1.07 -12.89
N SER B 133 -19.12 -0.13 -13.73
CA SER B 133 -18.78 1.21 -13.21
C SER B 133 -19.92 2.18 -13.44
N GLY B 134 -19.81 3.38 -12.89
CA GLY B 134 -20.78 4.46 -13.12
C GLY B 134 -21.75 4.62 -11.97
N GLY B 135 -21.54 3.93 -10.87
CA GLY B 135 -22.45 4.03 -9.71
C GLY B 135 -23.89 3.80 -10.12
N GLU B 136 -24.83 4.46 -9.46
CA GLU B 136 -26.27 4.20 -9.65
C GLU B 136 -26.84 4.87 -10.91
N GLU B 137 -26.37 6.07 -11.25
CA GLU B 137 -26.84 6.76 -12.48
C GLU B 137 -26.32 6.00 -13.71
N GLY B 138 -25.13 5.42 -13.63
CA GLY B 138 -24.54 4.65 -14.74
C GLY B 138 -25.24 3.31 -14.93
N ALA B 139 -25.57 2.64 -13.83
CA ALA B 139 -26.39 1.41 -13.77
C ALA B 139 -27.73 1.61 -14.47
N LEU B 140 -28.32 2.82 -14.37
CA LEU B 140 -29.60 3.17 -15.07
C LEU B 140 -29.35 3.70 -16.49
N ASN B 141 -28.41 4.63 -16.65
CA ASN B 141 -28.31 5.47 -17.86
C ASN B 141 -27.21 4.99 -18.79
N GLY B 142 -26.33 4.06 -18.37
CA GLY B 142 -25.25 3.51 -19.23
C GLY B 142 -23.92 3.29 -18.52
N PRO B 143 -23.64 2.08 -18.00
CA PRO B 143 -22.38 1.79 -17.33
C PRO B 143 -21.31 1.33 -18.31
N SER B 144 -20.05 1.40 -17.89
CA SER B 144 -18.92 0.63 -18.44
C SER B 144 -18.93 -0.76 -17.81
N ILE B 145 -18.87 -1.84 -18.59
CA ILE B 145 -19.03 -3.24 -18.08
C ILE B 145 -17.78 -4.07 -18.40
N MET B 146 -17.04 -4.49 -17.39
CA MET B 146 -15.78 -5.16 -17.76
C MET B 146 -15.96 -6.62 -17.41
N PRO B 147 -16.57 -7.67 -18.28
CA PRO B 147 -16.82 -9.09 -18.03
C PRO B 147 -15.60 -9.98 -18.30
N GLY B 148 -15.36 -10.82 -17.30
CA GLY B 148 -14.32 -11.85 -17.31
C GLY B 148 -14.99 -13.18 -17.16
N GLY B 149 -14.53 -14.18 -17.90
CA GLY B 149 -15.10 -15.53 -17.85
C GLY B 149 -14.77 -16.30 -19.10
N PRO B 150 -15.50 -17.37 -19.44
CA PRO B 150 -15.22 -18.12 -20.66
C PRO B 150 -15.66 -17.30 -21.88
N ALA B 151 -14.83 -17.26 -22.91
CA ALA B 151 -15.18 -16.50 -24.12
C ALA B 151 -16.52 -16.98 -24.68
N LYS B 152 -16.68 -18.28 -24.79
CA LYS B 152 -17.90 -18.91 -25.38
C LYS B 152 -19.18 -18.44 -24.67
N SER B 153 -19.11 -17.68 -23.57
CA SER B 153 -20.30 -17.17 -22.84
C SER B 153 -20.64 -15.74 -23.26
N TYR B 154 -19.65 -14.97 -23.70
CA TYR B 154 -19.85 -13.54 -24.06
C TYR B 154 -20.81 -13.49 -25.26
N GLU B 155 -20.78 -14.52 -26.10
CA GLU B 155 -21.60 -14.64 -27.34
C GLU B 155 -23.09 -14.49 -26.97
N SER B 156 -23.56 -15.30 -26.03
CA SER B 156 -24.94 -15.23 -25.46
C SER B 156 -25.17 -13.90 -24.72
N LEU B 157 -24.13 -13.36 -24.08
CA LEU B 157 -24.22 -12.30 -23.03
C LEU B 157 -23.91 -10.90 -23.61
N GLY B 158 -22.96 -10.80 -24.54
CA GLY B 158 -22.47 -9.53 -25.09
C GLY B 158 -23.61 -8.67 -25.61
N PRO B 159 -24.46 -9.22 -26.51
CA PRO B 159 -25.52 -8.43 -27.14
C PRO B 159 -26.46 -7.81 -26.09
N LEU B 160 -26.72 -8.53 -25.00
CA LEU B 160 -27.57 -8.00 -23.89
C LEU B 160 -26.83 -6.81 -23.25
N LEU B 161 -25.56 -7.01 -22.92
CA LEU B 161 -24.66 -6.03 -22.27
C LEU B 161 -24.48 -4.81 -23.19
N GLU B 162 -24.34 -5.02 -24.50
CA GLU B 162 -24.10 -3.89 -25.45
C GLU B 162 -25.37 -3.04 -25.53
N SER B 163 -26.54 -3.65 -25.22
CA SER B 163 -27.86 -3.00 -25.29
C SER B 163 -28.03 -2.01 -24.13
N ILE B 164 -27.34 -2.22 -23.01
CA ILE B 164 -27.45 -1.26 -21.86
C ILE B 164 -26.18 -0.42 -21.66
N ALA B 165 -25.01 -0.84 -22.17
CA ALA B 165 -23.70 -0.20 -21.89
C ALA B 165 -23.73 1.27 -22.30
N ALA B 166 -22.91 2.11 -21.67
CA ALA B 166 -22.66 3.47 -22.19
C ALA B 166 -22.11 3.33 -23.61
N ASN B 167 -22.48 4.26 -24.48
CA ASN B 167 -22.20 4.27 -25.93
C ASN B 167 -21.39 5.53 -26.24
N VAL B 168 -20.26 5.37 -26.93
CA VAL B 168 -19.42 6.53 -27.29
C VAL B 168 -19.05 6.45 -28.77
N ASP B 169 -19.55 7.40 -29.57
CA ASP B 169 -19.25 7.51 -31.02
C ASP B 169 -19.62 6.16 -31.65
N GLY B 170 -20.72 5.54 -31.15
CA GLY B 170 -21.29 4.26 -31.63
C GLY B 170 -20.50 3.02 -31.22
N THR B 171 -19.51 3.17 -30.38
CA THR B 171 -18.80 1.97 -29.95
C THR B 171 -19.28 1.79 -28.53
N PRO B 172 -19.97 0.57 -28.00
CA PRO B 172 -20.46 0.22 -26.67
C PRO B 172 -19.28 0.00 -25.71
N CYS B 173 -19.39 0.58 -24.54
CA CYS B 173 -18.36 0.49 -23.48
C CYS B 173 -18.46 -0.82 -22.71
N VAL B 174 -18.50 -1.93 -23.42
CA VAL B 174 -18.37 -3.31 -22.84
C VAL B 174 -17.65 -4.14 -23.88
N THR B 175 -16.88 -5.13 -23.48
CA THR B 175 -16.18 -6.13 -24.33
C THR B 175 -15.68 -7.24 -23.40
N HIS B 176 -15.49 -8.44 -23.91
CA HIS B 176 -14.84 -9.54 -23.16
C HIS B 176 -13.45 -9.06 -22.77
N ILE B 177 -13.11 -9.11 -21.47
CA ILE B 177 -11.81 -8.65 -20.94
C ILE B 177 -10.78 -9.77 -21.05
N GLY B 178 -11.15 -10.93 -20.58
CA GLY B 178 -10.28 -12.12 -20.55
C GLY B 178 -10.91 -13.18 -19.69
N PRO B 179 -10.23 -14.40 -19.31
CA PRO B 179 -10.60 -15.78 -18.44
C PRO B 179 -10.84 -15.25 -17.03
N ASP B 180 -11.68 -15.95 -16.29
CA ASP B 180 -11.97 -15.83 -14.83
C ASP B 180 -12.07 -14.40 -14.25
N GLY B 181 -11.10 -13.99 -13.45
CA GLY B 181 -11.24 -12.73 -12.71
C GLY B 181 -10.65 -11.50 -13.39
N ALA B 182 -10.33 -11.59 -14.67
CA ALA B 182 -9.73 -10.48 -15.42
C ALA B 182 -10.59 -9.21 -15.37
N GLY B 183 -11.91 -9.36 -15.40
CA GLY B 183 -12.84 -8.22 -15.43
C GLY B 183 -12.89 -7.51 -14.11
N HIS B 184 -12.96 -8.29 -13.04
CA HIS B 184 -12.99 -7.77 -11.66
C HIS B 184 -11.64 -7.15 -11.32
N PHE B 185 -10.57 -7.68 -11.90
CA PHE B 185 -9.22 -7.13 -11.68
C PHE B 185 -9.10 -5.74 -12.31
N VAL B 186 -9.57 -5.55 -13.53
CA VAL B 186 -9.45 -4.22 -14.20
C VAL B 186 -10.45 -3.23 -13.61
N LYS B 187 -11.53 -3.70 -13.01
CA LYS B 187 -12.50 -2.80 -12.38
C LYS B 187 -11.85 -2.20 -11.13
N MET B 188 -11.06 -3.01 -10.43
CA MET B 188 -10.36 -2.60 -9.21
C MET B 188 -9.25 -1.61 -9.59
N VAL B 189 -8.59 -1.82 -10.72
CA VAL B 189 -7.54 -0.87 -11.16
C VAL B 189 -8.22 0.39 -11.69
N HIS B 190 -9.43 0.27 -12.23
CA HIS B 190 -10.10 1.52 -12.66
C HIS B 190 -10.46 2.34 -11.43
N ASN B 191 -10.84 1.70 -10.32
CA ASN B 191 -11.20 2.48 -9.11
C ASN B 191 -9.98 3.14 -8.47
N GLY B 192 -8.82 2.50 -8.57
CA GLY B 192 -7.61 3.09 -8.02
C GLY B 192 -7.23 4.31 -8.80
N ILE B 193 -7.39 4.25 -10.11
CA ILE B 193 -7.03 5.36 -11.04
C ILE B 193 -7.93 6.56 -10.75
N GLU B 194 -9.17 6.29 -10.36
CA GLU B 194 -10.17 7.33 -10.03
C GLU B 194 -9.67 8.12 -8.82
N TYR B 195 -9.09 7.46 -7.81
CA TYR B 195 -8.57 8.23 -6.66
C TYR B 195 -7.46 9.16 -7.16
N ALA B 196 -6.56 8.68 -7.98
CA ALA B 196 -5.44 9.53 -8.45
C ALA B 196 -5.98 10.73 -9.24
N ASP B 197 -6.98 10.50 -10.08
CA ASP B 197 -7.54 11.57 -10.95
C ASP B 197 -8.14 12.66 -10.06
N MET B 198 -8.82 12.26 -8.99
CA MET B 198 -9.44 13.23 -8.07
C MET B 198 -8.40 13.99 -7.24
N GLN B 199 -7.36 13.29 -6.78
CA GLN B 199 -6.29 13.88 -5.94
C GLN B 199 -5.51 14.93 -6.71
N VAL B 200 -5.16 14.68 -7.96
CA VAL B 200 -4.40 15.67 -8.76
C VAL B 200 -5.23 16.95 -8.99
N ILE B 201 -6.55 16.83 -9.11
CA ILE B 201 -7.44 18.00 -9.28
C ILE B 201 -7.43 18.80 -7.98
N GLY B 202 -7.47 18.10 -6.84
CA GLY B 202 -7.32 18.68 -5.50
C GLY B 202 -6.04 19.49 -5.37
N GLU B 203 -4.92 18.87 -5.69
CA GLU B 203 -3.63 19.58 -5.59
C GLU B 203 -3.63 20.86 -6.44
N ALA B 204 -4.19 20.83 -7.64
CA ALA B 204 -4.24 22.03 -8.51
C ALA B 204 -5.12 23.09 -7.87
N TYR B 205 -6.31 22.67 -7.43
CA TYR B 205 -7.26 23.60 -6.78
C TYR B 205 -6.60 24.21 -5.55
N HIS B 206 -5.83 23.40 -4.82
CA HIS B 206 -5.10 23.85 -3.62
C HIS B 206 -4.06 24.91 -3.96
N LEU B 207 -3.30 24.71 -5.03
CA LEU B 207 -2.27 25.69 -5.43
C LEU B 207 -2.92 26.91 -6.08
N LEU B 208 -4.13 26.81 -6.61
CA LEU B 208 -4.73 28.00 -7.24
C LEU B 208 -5.35 28.87 -6.15
N ARG B 209 -5.82 28.22 -5.10
CA ARG B 209 -6.46 28.91 -3.97
C ARG B 209 -5.40 29.42 -2.98
N TYR B 210 -4.41 28.60 -2.64
CA TYR B 210 -3.47 28.99 -1.58
C TYR B 210 -2.18 29.64 -2.11
N ALA B 211 -1.81 29.42 -3.37
CA ALA B 211 -0.60 30.08 -3.88
C ALA B 211 -1.00 31.29 -4.72
N ALA B 212 -2.02 31.17 -5.57
CA ALA B 212 -2.47 32.26 -6.47
C ALA B 212 -3.53 33.11 -5.78
N GLY B 213 -4.15 32.62 -4.72
CA GLY B 213 -5.17 33.41 -4.00
C GLY B 213 -6.48 33.52 -4.74
N MET B 214 -6.81 32.54 -5.58
CA MET B 214 -8.09 32.64 -6.32
C MET B 214 -9.23 32.09 -5.48
N GLN B 215 -10.40 32.74 -5.52
CA GLN B 215 -11.58 32.24 -4.80
C GLN B 215 -12.22 31.10 -5.60
N PRO B 216 -12.98 30.19 -4.98
CA PRO B 216 -13.65 29.08 -5.68
C PRO B 216 -14.32 29.44 -7.01
N ALA B 217 -15.19 30.44 -7.00
CA ALA B 217 -15.82 31.02 -8.23
C ALA B 217 -14.79 31.17 -9.35
N GLU B 218 -13.60 31.72 -9.08
CA GLU B 218 -12.59 32.00 -10.14
C GLU B 218 -11.91 30.69 -10.55
N ILE B 219 -11.69 29.78 -9.61
CA ILE B 219 -11.02 28.48 -9.91
C ILE B 219 -11.94 27.69 -10.84
N ALA B 220 -13.23 27.71 -10.59
CA ALA B 220 -14.27 27.16 -11.48
C ALA B 220 -13.99 27.61 -12.93
N GLU B 221 -13.89 28.94 -13.13
CA GLU B 221 -13.74 29.57 -14.47
C GLU B 221 -12.46 29.07 -15.14
N VAL B 222 -11.37 28.83 -14.41
CA VAL B 222 -10.09 28.38 -15.07
C VAL B 222 -10.17 26.88 -15.35
N PHE B 223 -10.99 26.13 -14.59
CA PHE B 223 -11.17 24.66 -14.79
C PHE B 223 -11.95 24.41 -16.08
N LYS B 224 -12.93 25.27 -16.37
CA LYS B 224 -13.71 25.17 -17.63
C LYS B 224 -12.78 25.55 -18.77
N GLU B 225 -11.82 26.45 -18.57
CA GLU B 225 -10.83 26.81 -19.62
C GLU B 225 -9.95 25.57 -19.92
N TRP B 226 -9.48 24.86 -18.89
CA TRP B 226 -8.63 23.66 -19.11
C TRP B 226 -9.43 22.56 -19.82
N ASN B 227 -10.74 22.54 -19.64
CA ASN B 227 -11.61 21.48 -20.22
C ASN B 227 -11.74 21.61 -21.74
N ALA B 228 -11.31 22.72 -22.30
CA ALA B 228 -11.31 22.95 -23.77
C ALA B 228 -10.06 22.37 -24.42
N GLY B 229 -9.05 22.16 -23.59
CA GLY B 229 -7.76 21.65 -24.08
C GLY B 229 -7.62 20.16 -23.89
N ASP B 230 -6.37 19.71 -23.85
CA ASP B 230 -5.94 18.29 -23.77
C ASP B 230 -6.44 17.58 -22.52
N LEU B 231 -6.92 18.31 -21.52
CA LEU B 231 -7.30 17.71 -20.21
C LEU B 231 -8.79 17.46 -20.08
N ASP B 232 -9.56 17.68 -21.14
CA ASP B 232 -11.04 17.49 -21.22
C ASP B 232 -11.43 16.21 -20.48
N SER B 233 -12.19 16.32 -19.41
CA SER B 233 -12.57 15.13 -18.60
C SER B 233 -13.89 15.37 -17.90
N TYR B 234 -14.64 14.30 -17.61
CA TYR B 234 -15.89 14.48 -16.85
C TYR B 234 -15.55 15.02 -15.46
N LEU B 235 -14.44 14.57 -14.88
CA LEU B 235 -14.10 14.99 -13.50
C LEU B 235 -13.89 16.50 -13.39
N ILE B 236 -13.10 17.10 -14.27
CA ILE B 236 -12.84 18.57 -14.30
C ILE B 236 -14.14 19.34 -14.54
N GLU B 237 -15.01 18.86 -15.44
CA GLU B 237 -16.30 19.51 -15.75
C GLU B 237 -17.14 19.55 -14.48
N ILE B 238 -17.27 18.44 -13.75
CA ILE B 238 -18.12 18.45 -12.53
C ILE B 238 -17.45 19.27 -11.44
N THR B 239 -16.12 19.29 -11.44
CA THR B 239 -15.33 20.04 -10.43
C THR B 239 -15.67 21.53 -10.51
N ALA B 240 -15.85 22.05 -11.72
CA ALA B 240 -16.14 23.48 -11.95
C ALA B 240 -17.53 23.80 -11.39
N GLU B 241 -18.46 22.85 -11.49
CA GLU B 241 -19.81 23.05 -10.91
C GLU B 241 -19.68 23.13 -9.40
N VAL B 242 -19.12 22.09 -8.80
CA VAL B 242 -18.90 21.99 -7.32
C VAL B 242 -18.28 23.30 -6.80
N LEU B 243 -17.26 23.79 -7.48
CA LEU B 243 -16.52 25.02 -7.12
C LEU B 243 -17.41 26.28 -7.26
N SER B 244 -18.39 26.29 -8.16
CA SER B 244 -19.30 27.43 -8.39
C SER B 244 -20.47 27.43 -7.41
N GLN B 245 -20.78 26.28 -6.82
CA GLN B 245 -21.93 26.17 -5.89
C GLN B 245 -21.68 27.04 -4.66
N VAL B 246 -22.71 27.75 -4.22
CA VAL B 246 -22.61 28.61 -3.01
C VAL B 246 -23.59 28.04 -1.99
N ASP B 247 -23.17 27.90 -0.73
CA ASP B 247 -24.09 27.40 0.33
C ASP B 247 -25.04 28.53 0.72
N ALA B 248 -26.33 28.34 0.49
CA ALA B 248 -27.37 29.34 0.80
C ALA B 248 -27.33 29.72 2.28
N GLU B 249 -27.31 28.75 3.18
CA GLU B 249 -27.35 29.02 4.65
C GLU B 249 -26.32 30.06 5.08
N THR B 250 -25.08 29.99 4.59
CA THR B 250 -24.06 30.94 5.08
C THR B 250 -23.65 31.98 4.04
N GLY B 251 -23.79 31.69 2.75
CA GLY B 251 -23.35 32.64 1.72
C GLY B 251 -21.91 32.41 1.31
N LYS B 252 -21.16 31.61 2.07
CA LYS B 252 -19.75 31.22 1.79
C LYS B 252 -19.82 30.13 0.74
N PRO B 253 -18.70 29.76 -0.17
CA PRO B 253 -18.60 28.72 -1.20
C PRO B 253 -18.87 27.38 -0.51
N LEU B 254 -19.72 26.55 -1.11
CA LEU B 254 -20.11 25.25 -0.54
C LEU B 254 -18.90 24.43 -0.06
N ILE B 255 -17.75 24.54 -0.72
CA ILE B 255 -16.60 23.69 -0.27
C ILE B 255 -15.96 24.26 0.98
N ASP B 256 -16.38 25.42 1.45
CA ASP B 256 -15.74 25.99 2.66
C ASP B 256 -16.49 25.49 3.88
N VAL B 257 -17.60 24.82 3.63
CA VAL B 257 -18.55 24.33 4.65
C VAL B 257 -18.50 22.81 4.72
N ILE B 258 -17.80 22.17 3.80
CA ILE B 258 -17.74 20.67 3.77
C ILE B 258 -16.59 20.23 4.68
N VAL B 259 -16.88 19.29 5.58
CA VAL B 259 -15.82 18.60 6.37
C VAL B 259 -14.86 17.93 5.39
N ASP B 260 -13.58 18.33 5.46
CA ASP B 260 -12.49 17.93 4.53
C ASP B 260 -11.90 16.60 5.01
N ALA B 261 -12.77 15.61 5.11
CA ALA B 261 -12.42 14.24 5.50
C ALA B 261 -13.06 13.30 4.47
N ALA B 262 -12.26 12.85 3.52
CA ALA B 262 -12.76 11.97 2.46
C ALA B 262 -13.13 10.63 3.05
N GLY B 263 -12.11 9.96 3.57
CA GLY B 263 -12.32 8.62 4.09
C GLY B 263 -12.00 7.63 2.99
N GLN B 264 -11.06 6.72 3.25
CA GLN B 264 -10.63 5.73 2.23
C GLN B 264 -11.51 4.48 2.21
N LYS B 265 -12.66 4.49 2.91
CA LYS B 265 -13.68 3.41 2.95
C LYS B 265 -14.27 3.21 1.55
N GLY B 266 -13.54 2.50 0.68
CA GLY B 266 -13.86 2.20 -0.71
C GLY B 266 -12.96 1.09 -1.20
N THR B 267 -12.81 0.92 -2.52
CA THR B 267 -11.97 -0.18 -3.04
C THR B 267 -10.63 0.33 -3.55
N GLY B 268 -10.37 1.61 -3.40
CA GLY B 268 -9.11 2.25 -3.81
C GLY B 268 -7.91 1.53 -3.21
N ARG B 269 -8.06 1.04 -1.99
CA ARG B 269 -6.97 0.36 -1.26
C ARG B 269 -6.66 -1.02 -1.86
N TRP B 270 -7.68 -1.70 -2.41
CA TRP B 270 -7.50 -3.06 -2.98
C TRP B 270 -6.53 -2.99 -4.16
N THR B 271 -6.47 -1.84 -4.83
CA THR B 271 -5.57 -1.63 -5.98
C THR B 271 -4.12 -1.66 -5.50
N VAL B 272 -3.81 -0.82 -4.52
CA VAL B 272 -2.44 -0.70 -3.96
C VAL B 272 -1.97 -2.04 -3.38
N LYS B 273 -2.84 -2.76 -2.69
CA LYS B 273 -2.51 -4.08 -2.11
C LYS B 273 -2.07 -5.02 -3.22
N ALA B 274 -2.85 -5.07 -4.29
CA ALA B 274 -2.55 -5.88 -5.48
C ALA B 274 -1.23 -5.41 -6.08
N ALA B 275 -1.06 -4.10 -6.23
CA ALA B 275 0.20 -3.57 -6.79
C ALA B 275 1.35 -4.03 -5.91
N LEU B 276 1.22 -3.82 -4.60
CA LEU B 276 2.30 -4.20 -3.66
C LEU B 276 2.70 -5.66 -3.83
N ASP B 277 1.74 -6.54 -4.08
CA ASP B 277 2.12 -7.96 -4.18
C ASP B 277 2.47 -8.33 -5.63
N LEU B 278 2.34 -7.39 -6.56
CA LEU B 278 2.71 -7.69 -7.95
C LEU B 278 4.07 -7.07 -8.31
N GLY B 279 4.70 -6.35 -7.37
CA GLY B 279 6.02 -5.76 -7.62
C GLY B 279 5.97 -4.54 -8.50
N ILE B 280 4.89 -3.77 -8.39
CA ILE B 280 4.64 -2.55 -9.22
C ILE B 280 4.55 -1.29 -8.35
N ALA B 281 5.32 -0.27 -8.70
CA ALA B 281 5.37 1.03 -7.98
C ALA B 281 4.17 1.88 -8.32
N THR B 282 3.16 1.89 -7.46
CA THR B 282 1.87 2.58 -7.68
C THR B 282 1.83 3.86 -6.82
N THR B 283 2.86 4.68 -6.94
CA THR B 283 3.06 5.89 -6.11
C THR B 283 1.92 6.89 -6.26
N GLY B 284 1.34 7.01 -7.46
CA GLY B 284 0.25 7.95 -7.67
C GLY B 284 -1.01 7.50 -6.97
N ILE B 285 -1.44 6.28 -7.26
CA ILE B 285 -2.67 5.73 -6.63
C ILE B 285 -2.39 5.55 -5.14
N GLY B 286 -1.17 5.09 -4.80
CA GLY B 286 -0.77 4.92 -3.40
C GLY B 286 -0.88 6.21 -2.62
N GLU B 287 -0.19 7.25 -3.06
CA GLU B 287 -0.26 8.55 -2.33
C GLU B 287 -1.69 9.07 -2.28
N ALA B 288 -2.48 8.78 -3.32
CA ALA B 288 -3.89 9.28 -3.37
C ALA B 288 -4.72 8.66 -2.24
N VAL B 289 -4.59 7.36 -2.05
CA VAL B 289 -5.25 6.56 -0.99
C VAL B 289 -4.71 7.02 0.35
N PHE B 290 -3.41 7.24 0.45
CA PHE B 290 -2.78 7.70 1.71
C PHE B 290 -3.35 9.04 2.13
N ALA B 291 -3.44 9.99 1.19
CA ALA B 291 -3.97 11.35 1.42
C ALA B 291 -5.40 11.23 1.94
N ARG B 292 -6.19 10.27 1.46
CA ARG B 292 -7.58 10.14 1.94
C ARG B 292 -7.59 9.68 3.41
N ALA B 293 -6.76 8.70 3.74
CA ALA B 293 -6.60 8.15 5.09
C ALA B 293 -6.23 9.28 6.06
N LEU B 294 -5.24 10.07 5.66
CA LEU B 294 -4.75 11.22 6.45
C LEU B 294 -5.90 12.21 6.66
N SER B 295 -6.65 12.58 5.63
CA SER B 295 -7.68 13.63 5.80
C SER B 295 -8.70 13.28 6.89
N GLY B 296 -8.81 12.00 7.23
CA GLY B 296 -9.91 11.52 8.08
C GLY B 296 -9.50 11.34 9.53
N ALA B 297 -8.23 11.62 9.83
CA ALA B 297 -7.63 11.42 11.17
C ALA B 297 -7.83 12.72 11.95
N THR B 298 -9.08 12.97 12.37
CA THR B 298 -9.62 14.27 12.87
C THR B 298 -8.81 14.82 14.05
N SER B 299 -8.56 13.95 15.04
CA SER B 299 -8.05 14.27 16.40
C SER B 299 -6.56 14.61 16.30
N GLN B 300 -5.84 13.86 15.46
CA GLN B 300 -4.42 14.07 15.11
C GLN B 300 -4.32 15.39 14.33
N ARG B 301 -5.29 15.68 13.47
CA ARG B 301 -5.33 16.94 12.68
C ARG B 301 -5.58 18.14 13.62
N ALA B 302 -6.56 18.02 14.52
CA ALA B 302 -6.93 19.06 15.51
C ALA B 302 -5.71 19.39 16.38
N ALA B 303 -4.92 18.37 16.75
CA ALA B 303 -3.73 18.48 17.61
C ALA B 303 -2.56 19.09 16.84
N ALA B 304 -2.34 18.72 15.57
CA ALA B 304 -1.20 19.19 14.75
C ALA B 304 -1.44 20.60 14.16
N GLN B 305 -2.70 20.97 13.89
CA GLN B 305 -3.10 22.30 13.34
C GLN B 305 -2.48 23.42 14.17
N GLY B 306 -1.51 24.15 13.61
CA GLY B 306 -0.86 25.33 14.21
C GLY B 306 0.22 24.98 15.21
N ASN B 307 0.55 23.70 15.40
CA ASN B 307 1.54 23.26 16.42
C ASN B 307 2.79 22.65 15.77
N LEU B 308 2.86 22.53 14.44
CA LEU B 308 4.10 22.06 13.76
C LEU B 308 4.78 23.24 13.09
N PRO B 309 6.10 23.43 13.32
CA PRO B 309 6.82 24.56 12.75
C PRO B 309 6.84 24.48 11.22
N ALA B 310 6.53 25.61 10.57
CA ALA B 310 6.38 25.73 9.10
C ALA B 310 7.74 25.97 8.43
N GLY B 311 8.70 26.56 9.16
CA GLY B 311 9.93 27.16 8.63
C GLY B 311 9.68 28.55 8.05
N VAL B 312 10.70 29.15 7.45
CA VAL B 312 10.55 30.36 6.59
C VAL B 312 9.75 30.01 5.32
N LEU B 313 8.68 30.77 5.05
CA LEU B 313 7.79 30.60 3.88
C LEU B 313 7.83 31.87 3.02
N THR B 314 7.68 31.74 1.69
CA THR B 314 7.55 32.93 0.80
C THR B 314 6.16 32.88 0.15
N ASP B 315 5.93 33.76 -0.82
CA ASP B 315 4.69 33.82 -1.62
C ASP B 315 5.12 34.11 -3.06
N LEU B 316 4.19 33.99 -4.01
CA LEU B 316 4.51 34.19 -5.44
C LEU B 316 4.98 35.63 -5.66
N GLU B 317 4.38 36.60 -4.96
CA GLU B 317 4.78 38.02 -5.11
C GLU B 317 6.28 38.18 -4.90
N ALA B 318 6.80 37.70 -3.77
CA ALA B 318 8.22 37.83 -3.40
C ALA B 318 9.10 36.94 -4.28
N LEU B 319 8.56 35.86 -4.85
CA LEU B 319 9.33 35.06 -5.83
C LEU B 319 9.35 35.78 -7.18
N GLY B 320 8.41 36.69 -7.41
CA GLY B 320 8.34 37.43 -8.67
C GLY B 320 7.75 36.54 -9.74
N VAL B 321 6.81 35.69 -9.33
CA VAL B 321 6.15 34.74 -10.26
C VAL B 321 4.85 35.36 -10.75
N ASP B 322 4.64 35.39 -12.06
CA ASP B 322 3.42 35.92 -12.70
C ASP B 322 2.28 34.91 -12.50
N LYS B 323 1.12 35.38 -12.04
CA LYS B 323 -0.09 34.55 -11.77
C LYS B 323 -0.44 33.69 -12.99
N ALA B 324 -0.46 34.28 -14.18
CA ALA B 324 -0.88 33.56 -15.40
C ALA B 324 0.14 32.45 -15.78
N GLN B 325 1.44 32.67 -15.61
CA GLN B 325 2.41 31.61 -15.91
C GLN B 325 2.30 30.53 -14.84
N PHE B 326 1.84 30.91 -13.66
CA PHE B 326 1.73 29.93 -12.56
C PHE B 326 0.53 29.04 -12.80
N VAL B 327 -0.60 29.60 -13.22
CA VAL B 327 -1.81 28.78 -13.43
C VAL B 327 -1.61 27.80 -14.58
N GLU B 328 -0.82 28.16 -15.59
CA GLU B 328 -0.52 27.24 -16.71
C GLU B 328 0.57 26.25 -16.27
N ASP B 329 1.41 26.64 -15.31
CA ASP B 329 2.46 25.69 -14.85
C ASP B 329 1.76 24.60 -14.04
N VAL B 330 0.75 24.97 -13.26
CA VAL B 330 -0.05 24.03 -12.45
C VAL B 330 -0.82 23.08 -13.37
N ARG B 331 -1.33 23.59 -14.49
CA ARG B 331 -2.07 22.77 -15.46
C ARG B 331 -1.17 21.64 -15.98
N ARG B 332 0.09 21.96 -16.27
CA ARG B 332 1.09 21.01 -16.81
C ARG B 332 1.58 20.04 -15.73
N ALA B 333 1.65 20.46 -14.48
CA ALA B 333 2.09 19.57 -13.39
C ALA B 333 0.99 18.54 -13.16
N LEU B 334 -0.25 18.98 -13.28
CA LEU B 334 -1.43 18.12 -13.17
C LEU B 334 -1.44 17.15 -14.36
N TYR B 335 -1.15 17.63 -15.57
CA TYR B 335 -1.17 16.75 -16.75
C TYR B 335 -0.09 15.66 -16.64
N ALA B 336 1.11 16.03 -16.17
CA ALA B 336 2.23 15.08 -16.04
C ALA B 336 1.99 14.10 -14.89
N SER B 337 1.47 14.59 -13.77
CA SER B 337 1.23 13.71 -12.61
C SER B 337 0.14 12.70 -12.91
N LYS B 338 -0.85 13.09 -13.70
CA LYS B 338 -1.93 12.16 -14.09
C LYS B 338 -1.36 11.13 -15.04
N LEU B 339 -0.46 11.54 -15.92
CA LEU B 339 0.17 10.64 -16.91
C LEU B 339 1.03 9.60 -16.19
N VAL B 340 1.66 9.97 -15.08
CA VAL B 340 2.46 9.02 -14.27
C VAL B 340 1.50 8.02 -13.64
N ALA B 341 0.37 8.51 -13.13
CA ALA B 341 -0.61 7.62 -12.48
C ALA B 341 -1.16 6.60 -13.46
N TYR B 342 -1.42 7.00 -14.71
CA TYR B 342 -2.00 6.10 -15.71
C TYR B 342 -0.97 5.06 -16.16
N ALA B 343 0.29 5.46 -16.27
CA ALA B 343 1.37 4.54 -16.68
C ALA B 343 1.59 3.47 -15.61
N GLN B 344 1.51 3.85 -14.34
CA GLN B 344 1.66 2.87 -13.24
C GLN B 344 0.46 1.95 -13.26
N GLY B 345 -0.73 2.53 -13.35
CA GLY B 345 -1.98 1.77 -13.43
C GLY B 345 -1.94 0.74 -14.54
N PHE B 346 -1.47 1.11 -15.72
CA PHE B 346 -1.43 0.19 -16.88
C PHE B 346 -0.32 -0.86 -16.73
N ASP B 347 0.78 -0.55 -16.01
CA ASP B 347 1.86 -1.52 -15.61
C ASP B 347 1.25 -2.59 -14.67
N GLU B 348 0.35 -2.19 -13.78
CA GLU B 348 -0.30 -3.12 -12.85
C GLU B 348 -1.19 -4.10 -13.63
N ILE B 349 -1.75 -3.67 -14.75
CA ILE B 349 -2.65 -4.49 -15.59
C ILE B 349 -1.80 -5.54 -16.31
N LYS B 350 -0.75 -5.08 -16.99
CA LYS B 350 0.30 -5.93 -17.60
C LYS B 350 0.66 -7.03 -16.59
N ALA B 351 1.13 -6.64 -15.39
CA ALA B 351 1.65 -7.56 -14.35
C ALA B 351 0.55 -8.54 -13.94
N GLY B 352 -0.62 -8.04 -13.58
CA GLY B 352 -1.72 -8.90 -13.17
C GLY B 352 -2.14 -9.82 -14.29
N SER B 353 -2.10 -9.32 -15.52
CA SER B 353 -2.47 -10.12 -16.70
C SER B 353 -1.45 -11.23 -16.87
N ASP B 354 -0.16 -10.89 -16.80
CA ASP B 354 0.95 -11.85 -16.91
C ASP B 354 0.97 -12.82 -15.73
N GLU B 355 0.52 -12.40 -14.55
CA GLU B 355 0.55 -13.27 -13.35
C GLU B 355 -0.45 -14.41 -13.54
N ASN B 356 -1.56 -14.10 -14.20
CA ASN B 356 -2.53 -15.17 -14.56
C ASN B 356 -2.32 -15.45 -16.04
N ASN B 357 -3.27 -16.00 -16.75
CA ASN B 357 -3.03 -16.13 -18.22
C ASN B 357 -4.21 -15.41 -18.83
N TRP B 358 -4.14 -14.10 -18.91
CA TRP B 358 -5.34 -13.31 -19.28
C TRP B 358 -5.20 -12.66 -20.65
N ASP B 359 -3.97 -12.41 -21.08
CA ASP B 359 -3.68 -11.68 -22.34
C ASP B 359 -4.51 -10.39 -22.43
N VAL B 360 -4.78 -9.71 -21.32
CA VAL B 360 -5.63 -8.48 -21.36
C VAL B 360 -5.09 -7.47 -22.38
N ASP B 361 -5.95 -6.99 -23.27
CA ASP B 361 -5.61 -5.92 -24.24
C ASP B 361 -5.88 -4.57 -23.57
N PRO B 362 -4.84 -3.78 -23.21
CA PRO B 362 -5.06 -2.46 -22.60
C PRO B 362 -5.96 -1.55 -23.42
N ARG B 363 -6.00 -1.76 -24.75
CA ARG B 363 -6.77 -0.95 -25.72
C ARG B 363 -8.27 -1.05 -25.42
N ASP B 364 -8.77 -2.25 -25.13
CA ASP B 364 -10.19 -2.47 -24.77
C ASP B 364 -10.54 -1.57 -23.59
N LEU B 365 -9.65 -1.44 -22.60
CA LEU B 365 -9.95 -0.68 -21.37
C LEU B 365 -10.02 0.82 -21.64
N ALA B 366 -9.01 1.37 -22.32
CA ALA B 366 -9.02 2.80 -22.65
C ALA B 366 -10.26 3.11 -23.49
N THR B 367 -10.76 2.14 -24.24
CA THR B 367 -11.96 2.34 -25.10
C THR B 367 -13.25 2.28 -24.29
N ILE B 368 -13.43 1.30 -23.41
CA ILE B 368 -14.71 1.15 -22.65
C ILE B 368 -14.76 2.08 -21.44
N TRP B 369 -13.65 2.74 -21.13
CA TRP B 369 -13.64 3.68 -19.99
C TRP B 369 -14.00 5.10 -20.44
N ARG B 370 -14.37 5.26 -21.70
CA ARG B 370 -14.76 6.55 -22.28
C ARG B 370 -16.22 6.88 -21.96
N GLY B 371 -16.98 5.93 -21.42
CA GLY B 371 -18.38 6.13 -21.04
C GLY B 371 -18.73 5.40 -19.76
N GLY B 372 -19.71 5.87 -19.01
CA GLY B 372 -20.08 5.25 -17.71
C GLY B 372 -19.22 5.74 -16.57
N CYS B 373 -17.93 5.45 -16.64
CA CYS B 373 -16.88 5.81 -15.67
C CYS B 373 -16.83 7.29 -15.34
N ILE B 374 -16.30 7.57 -14.15
CA ILE B 374 -16.01 8.94 -13.64
C ILE B 374 -14.69 9.40 -14.25
N ILE B 375 -13.90 8.45 -14.73
CA ILE B 375 -12.58 8.82 -15.31
C ILE B 375 -12.69 9.02 -16.80
N ARG B 376 -13.89 8.95 -17.39
CA ARG B 376 -14.01 9.16 -18.84
C ARG B 376 -13.36 10.50 -19.22
N ALA B 377 -12.44 10.46 -20.18
CA ALA B 377 -11.78 11.68 -20.68
C ALA B 377 -11.18 11.36 -22.04
N LYS B 378 -10.97 12.40 -22.83
CA LYS B 378 -10.43 12.34 -24.21
C LYS B 378 -9.05 11.69 -24.21
N PHE B 379 -8.34 11.82 -23.10
CA PHE B 379 -7.01 11.27 -22.80
C PHE B 379 -6.89 9.77 -23.11
N LEU B 380 -7.94 9.00 -22.84
CA LEU B 380 -7.97 7.54 -23.06
C LEU B 380 -7.64 7.17 -24.50
N ASN B 381 -8.10 7.97 -25.47
CA ASN B 381 -7.85 7.71 -26.91
C ASN B 381 -6.35 7.65 -27.15
N ARG B 382 -5.59 8.54 -26.53
CA ARG B 382 -4.11 8.56 -26.63
C ARG B 382 -3.50 7.27 -26.07
N ILE B 383 -4.10 6.65 -25.04
CA ILE B 383 -3.59 5.38 -24.49
C ILE B 383 -3.87 4.26 -25.50
N VAL B 384 -5.04 4.30 -26.13
CA VAL B 384 -5.42 3.33 -27.19
C VAL B 384 -4.38 3.43 -28.30
N GLU B 385 -4.08 4.64 -28.73
CA GLU B 385 -3.14 4.92 -29.83
C GLU B 385 -1.73 4.47 -29.47
N ALA B 386 -1.33 4.69 -28.22
CA ALA B 386 0.00 4.31 -27.71
C ALA B 386 0.26 2.82 -27.86
N TYR B 387 -0.76 2.02 -27.58
CA TYR B 387 -0.74 0.54 -27.61
C TYR B 387 -1.07 0.03 -29.02
N ASP B 388 -1.53 0.91 -29.89
CA ASP B 388 -1.79 0.45 -31.27
C ASP B 388 -0.43 0.48 -31.95
N ALA B 389 0.34 1.51 -31.64
CA ALA B 389 1.68 1.75 -32.21
C ALA B 389 2.68 0.74 -31.67
N ASN B 390 2.55 0.35 -30.41
CA ASN B 390 3.48 -0.61 -29.77
C ASN B 390 2.66 -1.39 -28.75
N ALA B 391 2.49 -2.69 -28.98
CA ALA B 391 1.64 -3.53 -28.11
C ALA B 391 2.44 -3.89 -26.86
N GLU B 392 3.78 -3.75 -26.95
CA GLU B 392 4.75 -4.14 -25.90
C GLU B 392 5.46 -2.89 -25.36
N LEU B 393 4.84 -1.73 -25.53
CA LEU B 393 5.32 -0.44 -24.96
C LEU B 393 5.64 -0.65 -23.47
N GLU B 394 6.87 -0.35 -23.06
CA GLU B 394 7.35 -0.64 -21.67
C GLU B 394 6.70 0.34 -20.68
N SER B 395 6.36 1.57 -21.09
CA SER B 395 5.65 2.57 -20.25
C SER B 395 4.97 3.64 -21.12
N LEU B 396 3.74 4.00 -20.77
CA LEU B 396 2.97 5.07 -21.45
C LEU B 396 3.81 6.33 -21.65
N LEU B 397 4.77 6.55 -20.76
CA LEU B 397 5.69 7.72 -20.76
C LEU B 397 6.58 7.68 -22.02
N LEU B 398 6.83 6.50 -22.57
CA LEU B 398 7.75 6.27 -23.73
C LEU B 398 7.00 6.34 -25.07
N ASP B 399 5.68 6.11 -25.08
CA ASP B 399 4.80 6.22 -26.28
C ASP B 399 5.12 7.59 -26.82
N PRO B 400 5.60 7.89 -28.20
CA PRO B 400 6.23 9.10 -28.75
C PRO B 400 5.36 10.34 -28.51
N TYR B 401 4.03 10.16 -28.53
CA TYR B 401 3.08 11.29 -28.36
C TYR B 401 3.28 11.80 -26.93
N PHE B 402 3.06 10.92 -25.96
CA PHE B 402 3.15 11.25 -24.52
C PHE B 402 4.51 11.88 -24.18
N LYS B 403 5.58 11.26 -24.68
CA LYS B 403 6.99 11.70 -24.51
C LYS B 403 7.17 13.11 -25.09
N SER B 404 6.52 13.41 -26.21
CA SER B 404 6.65 14.74 -26.83
C SER B 404 6.00 15.77 -25.92
N GLU B 405 4.82 15.43 -25.36
CA GLU B 405 4.07 16.26 -24.38
C GLU B 405 4.93 16.49 -23.14
N LEU B 406 5.53 15.42 -22.58
CA LEU B 406 6.36 15.53 -21.35
C LEU B 406 7.47 16.57 -21.59
N GLY B 407 8.08 16.58 -22.79
CA GLY B 407 9.07 17.58 -23.19
C GLY B 407 8.61 18.98 -22.83
N ASP B 408 7.32 19.25 -22.97
CA ASP B 408 6.76 20.60 -22.78
C ASP B 408 6.10 20.72 -21.40
N LEU B 409 6.13 19.66 -20.61
CA LEU B 409 5.50 19.62 -19.27
C LEU B 409 6.53 19.79 -18.17
N ILE B 410 7.69 19.15 -18.33
CA ILE B 410 8.77 19.01 -17.33
C ILE B 410 9.23 20.30 -16.64
N ASP B 411 9.44 21.40 -17.36
CA ASP B 411 9.94 22.63 -16.69
C ASP B 411 8.87 23.22 -15.77
N SER B 412 7.61 23.12 -16.16
CA SER B 412 6.49 23.64 -15.34
C SER B 412 6.36 22.74 -14.13
N TRP B 413 6.54 21.45 -14.37
CA TRP B 413 6.46 20.40 -13.34
C TRP B 413 7.44 20.74 -12.23
N ARG B 414 8.70 20.98 -12.56
CA ARG B 414 9.75 21.30 -11.57
C ARG B 414 9.43 22.61 -10.84
N ARG B 415 9.01 23.66 -11.54
CA ARG B 415 8.68 24.94 -10.88
C ARG B 415 7.52 24.76 -9.90
N VAL B 416 6.56 23.90 -10.18
CA VAL B 416 5.39 23.73 -9.27
C VAL B 416 5.82 23.05 -7.97
N ILE B 417 6.53 21.93 -8.07
CA ILE B 417 7.03 21.22 -6.88
C ILE B 417 7.87 22.21 -6.08
N VAL B 418 8.81 22.89 -6.73
CA VAL B 418 9.66 23.93 -6.07
C VAL B 418 8.79 25.02 -5.42
N THR B 419 7.85 25.63 -6.14
CA THR B 419 7.08 26.77 -5.59
C THR B 419 6.23 26.31 -4.40
N ALA B 420 5.57 25.16 -4.52
CA ALA B 420 4.71 24.58 -3.46
C ALA B 420 5.48 24.35 -2.15
N THR B 421 6.67 23.77 -2.25
CA THR B 421 7.59 23.54 -1.10
C THR B 421 7.92 24.88 -0.40
N GLN B 422 8.15 25.95 -1.17
CA GLN B 422 8.62 27.27 -0.67
C GLN B 422 7.47 28.05 -0.06
N LEU B 423 6.24 27.63 -0.34
CA LEU B 423 5.00 28.21 0.23
C LEU B 423 4.33 27.27 1.27
N GLY B 424 4.97 26.12 1.56
CA GLY B 424 4.51 25.13 2.55
C GLY B 424 3.15 24.57 2.23
N LEU B 425 2.83 24.52 0.96
CA LEU B 425 1.55 23.93 0.56
C LEU B 425 1.86 22.47 0.26
N PRO B 426 0.95 21.33 0.57
CA PRO B 426 1.04 19.90 0.25
C PRO B 426 0.65 19.47 -1.20
N ILE B 427 1.58 18.84 -1.87
CA ILE B 427 1.29 18.49 -3.27
C ILE B 427 1.80 17.08 -3.37
N PRO B 428 1.33 15.90 -2.58
CA PRO B 428 1.84 14.55 -2.56
C PRO B 428 1.97 13.81 -3.90
N VAL B 429 0.91 13.80 -4.68
CA VAL B 429 0.95 13.08 -5.98
C VAL B 429 1.86 13.82 -6.96
N PHE B 430 1.86 15.14 -6.98
CA PHE B 430 2.71 15.93 -7.89
C PHE B 430 4.17 15.64 -7.58
N ALA B 431 4.52 15.57 -6.31
CA ALA B 431 5.90 15.32 -5.89
C ALA B 431 6.26 13.83 -5.99
N SER B 432 5.35 12.94 -5.63
CA SER B 432 5.70 11.51 -5.76
C SER B 432 5.99 11.16 -7.22
N SER B 433 5.16 11.68 -8.13
CA SER B 433 5.26 11.43 -9.59
C SER B 433 6.59 11.91 -10.17
N LEU B 434 7.12 13.02 -9.69
CA LEU B 434 8.39 13.56 -10.21
C LEU B 434 9.57 12.70 -9.76
N SER B 435 9.57 12.25 -8.51
CA SER B 435 10.66 11.37 -8.00
C SER B 435 10.63 10.05 -8.76
N TYR B 436 9.43 9.55 -9.06
CA TYR B 436 9.24 8.32 -9.89
C TYR B 436 9.81 8.55 -11.30
N TYR B 437 9.52 9.70 -11.88
CA TYR B 437 10.01 10.11 -13.23
C TYR B 437 11.55 10.12 -13.18
N ASP B 438 12.10 10.84 -12.21
CA ASP B 438 13.55 11.06 -12.01
C ASP B 438 14.21 9.75 -11.63
N SER B 439 13.45 8.83 -11.03
CA SER B 439 13.90 7.44 -10.71
C SER B 439 14.07 6.64 -12.01
N LEU B 440 13.11 6.77 -12.92
CA LEU B 440 13.09 6.04 -14.21
C LEU B 440 14.24 6.49 -15.09
N ARG B 441 14.67 7.74 -14.97
CA ARG B 441 15.76 8.34 -15.79
C ARG B 441 17.12 7.92 -15.22
N ALA B 442 17.19 7.63 -13.93
CA ALA B 442 18.47 7.48 -13.23
C ALA B 442 19.17 6.21 -13.75
N GLU B 443 20.46 6.32 -14.06
CA GLU B 443 21.27 5.16 -14.48
C GLU B 443 21.53 4.30 -13.26
N ARG B 444 21.86 4.92 -12.14
CA ARG B 444 22.16 4.18 -10.89
C ARG B 444 21.19 4.59 -9.80
N LEU B 445 20.40 3.66 -9.30
CA LEU B 445 19.46 4.01 -8.22
C LEU B 445 20.10 3.62 -6.90
N PRO B 446 19.67 4.10 -5.54
CA PRO B 446 20.07 3.70 -4.19
C PRO B 446 19.89 2.20 -3.88
N ALA B 447 19.23 1.42 -4.73
CA ALA B 447 19.03 -0.02 -4.49
C ALA B 447 20.36 -0.74 -4.50
N ALA B 448 21.40 -0.13 -5.08
CA ALA B 448 22.74 -0.72 -5.10
C ALA B 448 23.27 -0.78 -3.66
N LEU B 449 23.09 0.31 -2.94
CA LEU B 449 23.44 0.48 -1.50
C LEU B 449 22.62 -0.54 -0.70
N ILE B 450 21.31 -0.62 -0.92
CA ILE B 450 20.38 -1.52 -0.17
C ILE B 450 20.87 -2.96 -0.30
N GLN B 451 21.31 -3.36 -1.47
CA GLN B 451 21.85 -4.72 -1.69
C GLN B 451 23.07 -4.89 -0.79
N GLY B 452 23.93 -3.87 -0.74
CA GLY B 452 25.12 -3.90 0.11
C GLY B 452 24.74 -4.02 1.57
N GLN B 453 23.79 -3.21 2.02
CA GLN B 453 23.31 -3.23 3.42
C GLN B 453 22.83 -4.64 3.76
N ARG B 454 21.98 -5.22 2.92
CA ARG B 454 21.42 -6.58 3.14
C ARG B 454 22.53 -7.64 3.10
N ASP B 455 23.55 -7.49 2.26
CA ASP B 455 24.60 -8.54 2.25
C ASP B 455 25.37 -8.52 3.55
N PHE B 456 25.57 -7.33 4.11
CA PHE B 456 26.32 -7.16 5.37
C PHE B 456 25.58 -7.77 6.55
N PHE B 457 24.33 -7.38 6.78
CA PHE B 457 23.60 -7.83 7.99
C PHE B 457 22.87 -9.16 7.83
N GLY B 458 22.62 -9.63 6.61
CA GLY B 458 21.84 -10.86 6.49
C GLY B 458 22.43 -11.87 5.52
N ALA B 459 23.65 -11.63 5.06
CA ALA B 459 24.29 -12.50 4.04
C ALA B 459 23.31 -12.71 2.89
N HIS B 460 22.42 -11.75 2.67
CA HIS B 460 21.45 -11.76 1.54
C HIS B 460 22.24 -11.44 0.28
N THR B 461 22.33 -12.37 -0.66
CA THR B 461 23.41 -12.33 -1.67
C THR B 461 23.25 -11.08 -2.54
N TYR B 462 24.20 -10.76 -3.41
CA TYR B 462 24.02 -9.67 -4.42
C TYR B 462 24.40 -10.16 -5.82
N LYS B 463 24.18 -9.33 -6.83
CA LYS B 463 24.60 -9.67 -8.22
C LYS B 463 25.55 -8.59 -8.71
N ARG B 464 26.26 -8.89 -9.80
CA ARG B 464 27.25 -7.95 -10.35
C ARG B 464 26.94 -7.58 -11.81
N ILE B 465 27.32 -6.37 -12.18
CA ILE B 465 27.10 -5.84 -13.55
C ILE B 465 28.10 -6.46 -14.52
N ASP B 466 29.21 -7.02 -14.07
CA ASP B 466 30.17 -7.56 -15.06
C ASP B 466 30.06 -9.08 -15.18
N LYS B 467 30.28 -9.79 -14.10
CA LYS B 467 30.24 -11.28 -14.08
C LYS B 467 28.80 -11.75 -13.90
N ASP B 468 28.56 -13.04 -14.07
CA ASP B 468 27.20 -13.64 -13.90
C ASP B 468 27.21 -14.52 -12.65
N GLY B 469 26.07 -14.66 -11.97
CA GLY B 469 25.97 -15.46 -10.73
C GLY B 469 25.71 -14.57 -9.52
N SER B 470 25.55 -15.17 -8.34
CA SER B 470 25.28 -14.44 -7.06
C SER B 470 26.55 -14.40 -6.22
N PHE B 471 26.79 -13.30 -5.51
CA PHE B 471 28.05 -13.12 -4.75
C PHE B 471 27.82 -12.57 -3.34
N HIS B 472 28.74 -12.88 -2.44
CA HIS B 472 28.63 -12.41 -1.04
C HIS B 472 30.01 -11.94 -0.55
N THR B 473 30.02 -10.89 0.27
CA THR B 473 31.28 -10.35 0.81
C THR B 473 31.36 -10.80 2.27
N GLU B 474 32.51 -11.32 2.69
CA GLU B 474 32.72 -11.79 4.09
C GLU B 474 32.92 -10.56 4.98
N TRP B 475 31.84 -9.84 5.25
CA TRP B 475 31.92 -8.59 6.02
C TRP B 475 32.47 -8.81 7.42
N SER B 476 32.08 -9.89 8.07
CA SER B 476 32.48 -10.15 9.48
C SER B 476 33.91 -10.70 9.52
N GLY B 477 34.47 -11.13 8.38
CA GLY B 477 35.84 -11.70 8.26
C GLY B 477 36.80 -10.90 7.37
N ASP B 478 37.24 -11.54 6.29
CA ASP B 478 38.34 -11.15 5.37
C ASP B 478 37.93 -9.95 4.51
N ARG B 479 36.64 -9.76 4.34
CA ARG B 479 36.04 -8.71 3.44
C ARG B 479 36.37 -9.06 1.99
N SER B 480 36.54 -10.33 1.68
CA SER B 480 36.75 -10.79 0.29
C SER B 480 35.40 -11.17 -0.32
N GLU B 481 35.35 -11.47 -1.61
CA GLU B 481 34.05 -11.81 -2.25
C GLU B 481 34.05 -13.28 -2.67
N VAL B 482 33.02 -14.03 -2.31
CA VAL B 482 32.95 -15.48 -2.68
C VAL B 482 31.60 -15.82 -3.29
N GLU B 483 31.56 -16.29 -4.52
CA GLU B 483 30.28 -16.65 -5.19
C GLU B 483 29.53 -17.72 -4.40
N ALA B 484 28.20 -17.64 -4.37
CA ALA B 484 27.38 -18.63 -3.62
C ALA B 484 26.34 -19.25 -4.56
#